data_2BPG
#
_entry.id   2BPG
#
_cell.length_a   106.300
_cell.length_b   56.800
_cell.length_c   86.700
_cell.angle_alpha   90.00
_cell.angle_beta   106.40
_cell.angle_gamma   90.00
#
_symmetry.space_group_name_H-M   'P 1 21 1'
#
loop_
_entity.id
_entity.type
_entity.pdbx_description
1 polymer "DNA (5'-D(*GP*GP*GP*CP*GP*CP*CP*G)-3')"
2 polymer "DNA (5'-D(*CP*GP*GP*CP*GP*CP*C)-3')"
3 polymer 'DNA POLYMERASE BETA'
4 non-polymer 'MAGNESIUM ION'
5 non-polymer "2',3'-DIDEOXYCYTIDINE 5'-TRIPHOSPHATE"
6 water water
#
loop_
_entity_poly.entity_id
_entity_poly.type
_entity_poly.pdbx_seq_one_letter_code
_entity_poly.pdbx_strand_id
1 'polydeoxyribonucleotide' (DG)(DG)(DG)(DC)(DG)(DC)(DC)(DG) T,C
2 'polydeoxyribonucleotide' (DC)(DG)(DG)(DC)(DG)(DC)(DC) P,D
3 'polypeptide(L)'
;MSKRKAPQETLNGGITDMLVELANFEKNVSQAIHKYNAYRKAASVIAKYPHKIKSGAEAKKLPGVGTKIAEKIDEFLATG
KLRKLEKIRQDDTSSSINFLTRVTGIGPSAARKLVDEGIKTLEDLRKNEDKLNHHQRIGLKYFEDFEKRIPREEMLQMQD
IVLNEVKKLDPEYIATVCGSFRRGAESSGDMDVLLTHPNFTSESSKQPKLLHRVVEQLQKVRFITDTLSKGETKFMGVCQ
LPSENDENEYPHRRIDIRLIPKDQYYCGVLYFTGSDIFNKNMRAHALEKGFTINEYTIRPLGVTGVAGEPLPVDSEQDIF
DYIQWRYREPKDRSE
;
A,B
#
loop_
_chem_comp.id
_chem_comp.type
_chem_comp.name
_chem_comp.formula
DC DNA linking 2'-DEOXYCYTIDINE-5'-MONOPHOSPHATE 'C9 H14 N3 O7 P'
DCT DNA linking '2',3'-DIDEOXYCYTIDINE 5'-TRIPHOSPHATE' 'C9 H16 N3 O12 P3'
DG DNA linking 2'-DEOXYGUANOSINE-5'-MONOPHOSPHATE 'C10 H14 N5 O7 P'
MG non-polymer 'MAGNESIUM ION' 'Mg 2'
#
# COMPACT_ATOMS: atom_id res chain seq x y z
N GLU E 9 -3.88 -22.32 38.38
CA GLU E 9 -2.85 -21.44 38.90
C GLU E 9 -3.40 -20.37 39.88
N THR E 10 -2.62 -19.28 40.00
CA THR E 10 -2.88 -18.09 40.83
C THR E 10 -3.67 -18.31 42.17
N LEU E 11 -3.35 -19.38 42.93
CA LEU E 11 -3.92 -19.84 44.22
C LEU E 11 -5.05 -19.10 44.97
N ASN E 12 -4.66 -18.00 45.59
CA ASN E 12 -5.47 -17.12 46.39
C ASN E 12 -6.47 -16.34 45.57
N GLY E 13 -6.94 -16.94 44.51
CA GLY E 13 -7.89 -16.25 43.65
C GLY E 13 -9.32 -16.16 44.09
N GLY E 14 -9.94 -17.34 44.22
CA GLY E 14 -11.33 -17.51 44.60
C GLY E 14 -11.64 -16.56 45.71
N ILE E 15 -10.76 -16.64 46.66
CA ILE E 15 -10.86 -15.83 47.80
C ILE E 15 -10.85 -14.35 47.49
N THR E 16 -9.91 -13.94 46.63
CA THR E 16 -9.85 -12.55 46.27
C THR E 16 -11.11 -12.14 45.61
N ASP E 17 -11.48 -12.98 44.63
CA ASP E 17 -12.67 -12.79 43.84
C ASP E 17 -13.81 -12.48 44.76
N MET E 18 -14.00 -13.44 45.64
CA MET E 18 -15.03 -13.38 46.65
C MET E 18 -14.87 -12.05 47.36
N LEU E 19 -13.66 -11.76 47.77
CA LEU E 19 -13.42 -10.51 48.45
C LEU E 19 -13.92 -9.24 47.84
N VAL E 20 -13.54 -9.04 46.61
CA VAL E 20 -13.96 -7.83 45.98
C VAL E 20 -15.45 -7.58 45.90
N GLU E 21 -16.19 -8.63 45.46
CA GLU E 21 -17.64 -8.61 45.30
C GLU E 21 -18.21 -7.91 46.47
N LEU E 22 -17.71 -8.33 47.59
CA LEU E 22 -18.11 -7.76 48.82
C LEU E 22 -17.92 -6.30 48.83
N ALA E 23 -16.77 -5.93 48.38
CA ALA E 23 -16.50 -4.54 48.38
C ALA E 23 -17.41 -3.68 47.57
N ASN E 24 -17.67 -4.10 46.37
CA ASN E 24 -18.49 -3.22 45.65
C ASN E 24 -19.86 -3.12 46.18
N PHE E 25 -20.35 -4.23 46.67
CA PHE E 25 -21.66 -4.23 47.22
C PHE E 25 -21.63 -3.23 48.35
N GLU E 26 -20.66 -3.38 49.23
CA GLU E 26 -20.57 -2.44 50.33
C GLU E 26 -20.33 -1.04 49.78
N LYS E 27 -19.74 -1.00 48.62
CA LYS E 27 -19.47 0.22 47.98
C LYS E 27 -20.73 0.78 47.44
N ASN E 28 -21.31 -0.05 46.65
CA ASN E 28 -22.52 0.24 45.99
C ASN E 28 -23.80 0.02 46.84
N VAL E 29 -24.01 -1.22 47.21
CA VAL E 29 -25.12 -1.64 47.99
C VAL E 29 -25.28 -0.81 49.24
N SER E 30 -24.19 -0.27 49.73
CA SER E 30 -24.26 0.57 50.91
C SER E 30 -23.28 1.60 50.61
N GLN E 31 -23.13 2.64 51.45
CA GLN E 31 -22.09 3.53 51.03
C GLN E 31 -20.86 2.73 51.37
N ALA E 32 -20.76 2.46 52.67
CA ALA E 32 -19.71 1.70 53.32
C ALA E 32 -18.40 1.75 52.57
N ILE E 33 -18.01 2.98 52.29
CA ILE E 33 -16.79 3.24 51.57
C ILE E 33 -15.65 2.52 52.25
N HIS E 34 -15.60 2.79 53.54
CA HIS E 34 -14.63 2.27 54.46
C HIS E 34 -14.56 0.75 54.33
N LYS E 35 -15.70 0.05 54.47
CA LYS E 35 -15.65 -1.41 54.33
C LYS E 35 -15.11 -1.73 52.93
N TYR E 36 -15.64 -1.05 51.91
CA TYR E 36 -15.19 -1.29 50.56
C TYR E 36 -13.73 -1.00 50.37
N ASN E 37 -13.23 0.04 51.02
CA ASN E 37 -11.84 0.36 50.85
C ASN E 37 -11.06 -0.82 51.34
N ALA E 38 -11.31 -1.14 52.60
CA ALA E 38 -10.66 -2.24 53.26
C ALA E 38 -10.69 -3.49 52.38
N TYR E 39 -11.93 -3.90 52.05
CA TYR E 39 -12.20 -5.07 51.23
C TYR E 39 -11.28 -5.13 50.04
N ARG E 40 -11.25 -4.02 49.31
CA ARG E 40 -10.42 -3.98 48.13
C ARG E 40 -8.98 -4.27 48.49
N LYS E 41 -8.48 -3.42 49.39
CA LYS E 41 -7.12 -3.52 49.87
C LYS E 41 -6.85 -4.92 50.29
N ALA E 42 -7.81 -5.46 51.02
CA ALA E 42 -7.68 -6.81 51.48
C ALA E 42 -7.57 -7.76 50.33
N ALA E 43 -8.30 -7.47 49.27
CA ALA E 43 -8.22 -8.35 48.16
C ALA E 43 -6.81 -8.34 47.65
N SER E 44 -6.27 -7.12 47.59
CA SER E 44 -4.92 -6.93 47.10
C SER E 44 -3.87 -7.74 47.81
N VAL E 45 -3.63 -7.36 49.04
CA VAL E 45 -2.65 -7.98 49.87
C VAL E 45 -2.61 -9.52 49.81
N ILE E 46 -3.81 -10.13 49.69
CA ILE E 46 -4.00 -11.60 49.60
C ILE E 46 -3.41 -12.20 48.34
N ALA E 47 -3.49 -11.40 47.29
CA ALA E 47 -2.99 -11.80 46.00
C ALA E 47 -1.44 -11.69 45.88
N LYS E 48 -0.90 -10.66 46.53
CA LYS E 48 0.51 -10.44 46.52
C LYS E 48 1.29 -11.47 47.34
N TYR E 49 0.54 -12.27 48.13
CA TYR E 49 1.01 -13.37 49.01
C TYR E 49 1.25 -14.63 48.19
N PRO E 50 2.32 -15.34 48.53
CA PRO E 50 2.74 -16.54 47.84
C PRO E 50 2.45 -17.96 48.35
N HIS E 51 1.51 -18.18 49.25
CA HIS E 51 1.32 -19.56 49.66
C HIS E 51 -0.14 -19.89 49.64
N LYS E 52 -0.46 -21.21 49.63
CA LYS E 52 -1.85 -21.65 49.63
C LYS E 52 -2.47 -21.30 50.96
N ILE E 53 -3.36 -20.30 50.94
CA ILE E 53 -4.02 -19.88 52.14
C ILE E 53 -5.06 -20.87 52.50
N LYS E 54 -4.61 -21.71 53.38
CA LYS E 54 -5.42 -22.75 53.89
C LYS E 54 -6.22 -22.12 55.01
N SER E 55 -5.59 -22.09 56.15
CA SER E 55 -6.25 -21.52 57.29
C SER E 55 -6.60 -20.07 57.06
N GLY E 56 -7.88 -19.73 57.16
CA GLY E 56 -8.24 -18.34 56.99
C GLY E 56 -7.56 -17.50 58.05
N ALA E 57 -7.03 -18.16 59.06
CA ALA E 57 -6.38 -17.45 60.13
C ALA E 57 -5.03 -17.00 59.72
N GLU E 58 -4.41 -17.89 58.95
CA GLU E 58 -3.11 -17.70 58.40
C GLU E 58 -3.15 -16.31 57.82
N ALA E 59 -4.25 -16.11 57.12
CA ALA E 59 -4.52 -14.85 56.46
C ALA E 59 -4.60 -13.75 57.41
N LYS E 60 -5.27 -14.02 58.48
CA LYS E 60 -5.44 -13.02 59.49
C LYS E 60 -4.12 -12.43 59.88
N LYS E 61 -3.08 -13.27 59.80
CA LYS E 61 -1.70 -12.89 60.12
C LYS E 61 -1.30 -11.68 59.30
N LEU E 62 -1.67 -11.88 58.07
CA LEU E 62 -1.47 -10.96 57.04
C LEU E 62 -2.17 -9.68 57.42
N PRO E 63 -1.37 -8.68 57.29
CA PRO E 63 -1.70 -7.31 57.56
C PRO E 63 -2.78 -6.75 56.70
N GLY E 64 -3.56 -5.90 57.36
CA GLY E 64 -4.67 -5.23 56.76
C GLY E 64 -5.91 -6.02 56.99
N VAL E 65 -5.88 -7.21 56.42
CA VAL E 65 -6.98 -8.10 56.55
C VAL E 65 -7.18 -8.32 58.02
N GLY E 66 -8.44 -8.17 58.38
CA GLY E 66 -8.85 -8.32 59.76
C GLY E 66 -9.94 -9.34 59.97
N THR E 67 -10.12 -9.56 61.25
CA THR E 67 -11.05 -10.45 61.84
C THR E 67 -12.30 -10.83 61.07
N LYS E 68 -13.11 -9.86 60.67
CA LYS E 68 -14.30 -10.21 59.93
C LYS E 68 -13.98 -10.61 58.53
N ILE E 69 -12.88 -10.05 58.03
CA ILE E 69 -12.54 -10.40 56.68
C ILE E 69 -12.18 -11.82 56.76
N ALA E 70 -11.42 -11.98 57.82
CA ALA E 70 -10.89 -13.23 58.18
C ALA E 70 -11.98 -14.25 58.15
N GLU E 71 -13.06 -13.98 58.83
CA GLU E 71 -14.20 -14.88 58.90
C GLU E 71 -14.73 -15.37 57.53
N LYS E 72 -15.14 -14.41 56.69
CA LYS E 72 -15.68 -14.61 55.36
C LYS E 72 -14.83 -15.57 54.55
N ILE E 73 -13.57 -15.55 54.91
CA ILE E 73 -12.59 -16.39 54.29
C ILE E 73 -12.87 -17.86 54.49
N ASP E 74 -12.76 -18.32 55.73
CA ASP E 74 -13.01 -19.71 55.99
C ASP E 74 -14.36 -20.15 55.49
N GLU E 75 -15.43 -19.29 55.65
CA GLU E 75 -16.80 -19.63 55.16
C GLU E 75 -16.60 -20.12 53.75
N PHE E 76 -15.90 -19.32 53.02
CA PHE E 76 -15.62 -19.69 51.68
C PHE E 76 -14.75 -20.96 51.63
N LEU E 77 -13.75 -20.99 52.50
CA LEU E 77 -12.84 -22.09 52.59
C LEU E 77 -13.59 -23.41 52.79
N ALA E 78 -14.51 -23.44 53.74
CA ALA E 78 -15.28 -24.66 53.98
C ALA E 78 -16.03 -25.03 52.72
N THR E 79 -17.01 -24.18 52.41
CA THR E 79 -17.87 -24.36 51.25
C THR E 79 -17.82 -23.12 50.37
N GLY E 80 -17.76 -23.35 49.08
CA GLY E 80 -17.69 -22.28 48.12
C GLY E 80 -18.71 -21.14 48.22
N LYS E 81 -19.02 -20.63 49.42
CA LYS E 81 -19.99 -19.53 49.48
C LYS E 81 -20.07 -18.85 50.81
N LEU E 82 -20.73 -17.72 50.76
CA LEU E 82 -20.97 -16.89 51.89
C LEU E 82 -22.41 -16.59 51.62
N ARG E 83 -23.30 -16.86 52.57
CA ARG E 83 -24.68 -16.56 52.25
C ARG E 83 -24.84 -15.08 51.96
N LYS E 84 -24.14 -14.24 52.81
CA LYS E 84 -24.13 -12.76 52.73
C LYS E 84 -23.89 -12.49 51.28
N LEU E 85 -22.94 -13.24 50.81
CA LEU E 85 -22.55 -13.17 49.43
C LEU E 85 -23.68 -13.70 48.52
N GLU E 86 -24.41 -14.70 49.02
CA GLU E 86 -25.48 -15.22 48.25
C GLU E 86 -26.65 -14.33 48.13
N LYS E 87 -26.84 -13.56 49.19
CA LYS E 87 -27.91 -12.60 49.27
C LYS E 87 -27.98 -11.78 47.98
N ILE E 88 -26.82 -11.39 47.47
CA ILE E 88 -26.73 -10.61 46.24
C ILE E 88 -27.40 -11.33 45.07
N ARG E 89 -27.09 -12.60 44.93
CA ARG E 89 -27.68 -13.37 43.89
C ARG E 89 -29.16 -13.60 44.22
N GLN E 90 -29.55 -13.21 45.46
CA GLN E 90 -30.91 -13.32 46.02
C GLN E 90 -31.71 -11.98 46.04
N ASP E 91 -31.43 -11.08 47.02
CA ASP E 91 -32.11 -9.78 47.16
C ASP E 91 -32.26 -8.94 45.90
N ASP E 92 -33.50 -8.76 45.41
CA ASP E 92 -33.73 -7.99 44.19
C ASP E 92 -33.08 -6.65 44.18
N THR E 93 -33.48 -5.82 45.14
CA THR E 93 -33.00 -4.47 45.36
C THR E 93 -31.59 -4.24 44.84
N SER E 94 -30.64 -4.82 45.56
CA SER E 94 -29.23 -4.75 45.27
C SER E 94 -28.83 -5.29 43.92
N SER E 95 -29.41 -6.41 43.52
CA SER E 95 -29.07 -6.95 42.23
C SER E 95 -29.44 -5.91 41.23
N SER E 96 -30.52 -5.26 41.56
CA SER E 96 -30.97 -4.24 40.69
C SER E 96 -29.96 -3.15 40.55
N ILE E 97 -29.61 -2.55 41.68
CA ILE E 97 -28.63 -1.48 41.76
C ILE E 97 -27.42 -1.69 40.86
N ASN E 98 -26.82 -2.86 40.94
CA ASN E 98 -25.65 -3.14 40.14
C ASN E 98 -25.81 -2.84 38.67
N PHE E 99 -26.98 -3.12 38.19
CA PHE E 99 -27.23 -2.90 36.81
C PHE E 99 -26.99 -1.49 36.37
N LEU E 100 -27.75 -0.67 37.02
CA LEU E 100 -27.75 0.72 36.82
C LEU E 100 -26.34 1.27 36.82
N THR E 101 -25.54 0.69 37.66
CA THR E 101 -24.21 1.20 37.68
C THR E 101 -23.53 0.82 36.44
N ARG E 102 -24.12 -0.16 35.78
CA ARG E 102 -23.50 -0.55 34.54
C ARG E 102 -23.67 0.61 33.58
N VAL E 103 -24.56 1.54 33.96
CA VAL E 103 -24.78 2.68 33.11
C VAL E 103 -23.84 3.81 33.36
N THR E 104 -23.35 4.26 32.21
CA THR E 104 -22.42 5.36 32.14
C THR E 104 -23.14 6.57 32.60
N GLY E 105 -22.62 7.21 33.63
CA GLY E 105 -23.29 8.38 34.11
C GLY E 105 -24.01 8.18 35.43
N ILE E 106 -24.71 7.08 35.50
CA ILE E 106 -25.44 6.73 36.69
C ILE E 106 -24.62 6.06 37.74
N GLY E 107 -24.37 6.83 38.75
CA GLY E 107 -23.62 6.27 39.81
C GLY E 107 -24.64 6.06 40.90
N PRO E 108 -24.31 5.16 41.79
CA PRO E 108 -25.11 4.77 42.95
C PRO E 108 -26.16 5.68 43.52
N SER E 109 -25.87 6.95 43.92
CA SER E 109 -26.93 7.80 44.49
C SER E 109 -28.14 7.82 43.58
N ALA E 110 -27.88 8.32 42.40
CA ALA E 110 -28.88 8.39 41.38
C ALA E 110 -29.41 7.01 41.12
N ALA E 111 -28.54 6.02 41.22
CA ALA E 111 -29.00 4.67 40.97
C ALA E 111 -30.04 4.22 41.94
N ARG E 112 -29.79 4.50 43.22
CA ARG E 112 -30.72 4.10 44.24
C ARG E 112 -32.12 4.65 43.97
N LYS E 113 -32.16 6.00 43.88
CA LYS E 113 -33.36 6.78 43.61
C LYS E 113 -34.09 6.16 42.48
N LEU E 114 -33.31 5.70 41.58
CA LEU E 114 -33.95 5.10 40.48
C LEU E 114 -34.59 3.83 40.86
N VAL E 115 -34.02 3.17 41.81
CA VAL E 115 -34.69 1.96 42.10
C VAL E 115 -35.88 2.33 42.98
N ASP E 116 -35.63 3.30 43.88
CA ASP E 116 -36.60 3.82 44.83
C ASP E 116 -37.87 4.35 44.21
N GLU E 117 -37.95 4.22 42.92
CA GLU E 117 -39.10 4.67 42.21
C GLU E 117 -39.45 3.52 41.34
N GLY E 118 -38.97 2.36 41.80
CA GLY E 118 -39.19 1.11 41.12
C GLY E 118 -38.56 0.98 39.75
N ILE E 119 -37.72 1.95 39.40
CA ILE E 119 -37.09 1.87 38.12
C ILE E 119 -36.02 0.80 38.30
N LYS E 120 -36.17 -0.31 37.59
CA LYS E 120 -35.19 -1.34 37.77
C LYS E 120 -34.90 -2.30 36.66
N THR E 121 -34.86 -1.75 35.49
CA THR E 121 -34.55 -2.50 34.32
C THR E 121 -34.03 -1.50 33.35
N LEU E 122 -33.41 -2.03 32.32
CA LEU E 122 -32.85 -1.22 31.27
C LEU E 122 -34.08 -0.65 30.60
N GLU E 123 -35.01 -1.58 30.44
CA GLU E 123 -36.27 -1.27 29.83
C GLU E 123 -36.97 -0.19 30.63
N ASP E 124 -36.99 -0.41 31.94
CA ASP E 124 -37.63 0.50 32.85
C ASP E 124 -37.12 1.91 32.57
N LEU E 125 -35.81 1.94 32.54
CA LEU E 125 -35.03 3.12 32.30
C LEU E 125 -35.57 3.92 31.17
N ARG E 126 -35.80 3.19 30.13
CA ARG E 126 -36.32 3.81 28.97
C ARG E 126 -37.66 4.43 29.32
N LYS E 127 -38.62 3.56 29.63
CA LYS E 127 -39.99 3.86 29.98
C LYS E 127 -40.28 5.25 30.57
N ASN E 128 -39.40 5.83 31.39
CA ASN E 128 -39.68 7.14 31.98
C ASN E 128 -38.40 7.90 32.19
N GLU E 129 -37.61 7.78 31.14
CA GLU E 129 -36.32 8.36 30.94
C GLU E 129 -36.34 9.76 31.48
N ASP E 130 -37.49 10.37 31.29
CA ASP E 130 -37.82 11.71 31.70
C ASP E 130 -37.16 12.16 32.99
N LYS E 131 -36.79 11.20 33.83
CA LYS E 131 -36.15 11.54 35.07
C LYS E 131 -34.65 11.69 35.03
N LEU E 132 -34.08 11.27 33.95
CA LEU E 132 -32.68 11.37 33.83
C LEU E 132 -32.16 12.69 33.48
N ASN E 133 -30.88 12.72 33.65
CA ASN E 133 -30.16 13.86 33.32
C ASN E 133 -29.57 13.43 32.03
N HIS E 134 -29.35 14.44 31.22
CA HIS E 134 -28.78 14.31 29.91
C HIS E 134 -27.71 13.25 29.77
N HIS E 135 -26.65 13.42 30.58
CA HIS E 135 -25.52 12.53 30.62
C HIS E 135 -26.05 11.13 30.64
N GLN E 136 -26.93 10.93 31.59
CA GLN E 136 -27.55 9.66 31.73
C GLN E 136 -28.32 9.35 30.45
N ARG E 137 -29.09 10.32 29.97
CA ARG E 137 -29.87 10.14 28.75
C ARG E 137 -29.09 9.54 27.62
N ILE E 138 -27.88 10.02 27.55
CA ILE E 138 -27.01 9.55 26.54
C ILE E 138 -26.58 8.14 26.77
N GLY E 139 -26.28 7.81 28.03
CA GLY E 139 -25.84 6.47 28.38
C GLY E 139 -26.83 5.41 27.88
N LEU E 140 -28.07 5.63 28.31
CA LEU E 140 -29.22 4.80 28.01
C LEU E 140 -29.38 4.65 26.51
N LYS E 141 -29.18 5.77 25.89
CA LYS E 141 -29.27 5.88 24.47
C LYS E 141 -28.28 4.88 23.90
N TYR E 142 -27.05 5.02 24.33
CA TYR E 142 -25.98 4.18 23.84
C TYR E 142 -25.65 2.85 24.46
N PHE E 143 -26.10 2.66 25.68
CA PHE E 143 -25.89 1.49 26.52
C PHE E 143 -25.20 0.27 25.90
N GLU E 144 -25.90 -0.38 24.99
CA GLU E 144 -25.42 -1.57 24.30
C GLU E 144 -23.96 -1.54 23.83
N ASP E 145 -23.60 -0.49 23.08
CA ASP E 145 -22.28 -0.27 22.51
C ASP E 145 -21.12 -0.33 23.50
N PHE E 146 -21.32 0.46 24.52
CA PHE E 146 -20.45 0.68 25.64
C PHE E 146 -20.00 -0.59 26.31
N GLU E 147 -20.59 -1.69 25.91
CA GLU E 147 -20.13 -2.87 26.55
C GLU E 147 -18.99 -3.33 25.74
N LYS E 148 -19.14 -3.26 24.41
CA LYS E 148 -18.09 -3.68 23.52
C LYS E 148 -16.91 -2.74 23.52
N ARG E 149 -15.76 -3.38 23.68
CA ARG E 149 -14.47 -2.73 23.73
C ARG E 149 -14.07 -2.31 22.35
N ILE E 150 -13.10 -1.39 22.33
CA ILE E 150 -12.57 -0.89 21.10
C ILE E 150 -11.33 -1.68 20.76
N PRO E 151 -11.31 -2.29 19.57
CA PRO E 151 -10.16 -3.06 19.13
C PRO E 151 -9.10 -2.12 18.58
N ARG E 152 -7.84 -2.46 18.91
CA ARG E 152 -6.63 -1.73 18.54
C ARG E 152 -6.61 -1.21 17.12
N GLU E 153 -7.16 -2.00 16.21
CA GLU E 153 -7.19 -1.61 14.82
C GLU E 153 -7.93 -0.29 14.63
N GLU E 154 -9.14 -0.25 15.16
CA GLU E 154 -9.92 0.95 15.06
C GLU E 154 -9.14 2.08 15.71
N MET E 155 -8.80 1.83 17.01
CA MET E 155 -8.04 2.75 17.87
C MET E 155 -6.94 3.45 17.07
N LEU E 156 -6.31 2.65 16.27
CA LEU E 156 -5.28 3.18 15.45
C LEU E 156 -5.92 4.19 14.51
N GLN E 157 -6.92 3.71 13.80
CA GLN E 157 -7.65 4.48 12.82
C GLN E 157 -8.09 5.82 13.32
N MET E 158 -8.82 5.70 14.41
CA MET E 158 -9.37 6.83 15.11
C MET E 158 -8.30 7.85 15.34
N GLN E 159 -7.20 7.29 15.88
CA GLN E 159 -6.00 8.00 16.23
C GLN E 159 -5.69 8.95 15.11
N ASP E 160 -5.51 8.35 13.94
CA ASP E 160 -5.20 9.08 12.74
C ASP E 160 -6.10 10.24 12.58
N ILE E 161 -7.35 9.84 12.37
CA ILE E 161 -8.48 10.69 12.17
C ILE E 161 -8.35 11.92 13.00
N VAL E 162 -7.93 11.68 14.20
CA VAL E 162 -7.76 12.77 15.06
C VAL E 162 -6.61 13.66 14.63
N LEU E 163 -5.45 13.03 14.63
CA LEU E 163 -4.18 13.64 14.28
C LEU E 163 -4.25 14.63 13.14
N ASN E 164 -4.98 14.22 12.15
CA ASN E 164 -5.18 14.98 10.96
C ASN E 164 -5.71 16.38 11.20
N GLU E 165 -7.03 16.45 11.30
CA GLU E 165 -7.77 17.66 11.52
C GLU E 165 -7.18 18.49 12.62
N VAL E 166 -6.54 17.78 13.50
CA VAL E 166 -5.91 18.41 14.62
C VAL E 166 -4.89 19.41 14.09
N LYS E 167 -3.85 18.82 13.55
CA LYS E 167 -2.74 19.53 12.99
C LYS E 167 -3.20 20.44 11.88
N LYS E 168 -4.22 20.00 11.15
CA LYS E 168 -4.74 20.78 10.07
C LYS E 168 -5.08 22.19 10.55
N LEU E 169 -5.72 22.27 11.70
CA LEU E 169 -6.09 23.57 12.25
C LEU E 169 -4.86 24.43 12.55
N ASP E 170 -3.99 23.76 13.23
CA ASP E 170 -2.75 24.29 13.67
C ASP E 170 -1.87 23.10 13.82
N PRO E 171 -0.72 23.20 13.20
CA PRO E 171 0.27 22.15 13.21
C PRO E 171 0.74 21.79 14.60
N GLU E 172 0.89 22.85 15.42
CA GLU E 172 1.35 22.88 16.81
C GLU E 172 0.44 22.39 17.92
N TYR E 173 -0.16 21.25 17.65
CA TYR E 173 -1.07 20.56 18.54
C TYR E 173 -0.54 19.14 18.82
N ILE E 174 -0.07 18.92 20.03
CA ILE E 174 0.41 17.59 20.27
C ILE E 174 -0.69 16.70 20.64
N ALA E 175 -0.74 15.63 19.93
CA ALA E 175 -1.75 14.67 20.20
C ALA E 175 -1.10 13.38 20.52
N THR E 176 -1.71 12.76 21.51
CA THR E 176 -1.25 11.53 21.98
C THR E 176 -2.30 10.78 22.69
N VAL E 177 -2.70 9.67 22.10
CA VAL E 177 -3.70 8.87 22.74
C VAL E 177 -2.97 8.10 23.80
N CYS E 178 -3.55 8.05 24.96
CA CYS E 178 -2.87 7.35 25.98
C CYS E 178 -3.73 6.30 26.63
N GLY E 179 -3.54 6.21 27.95
CA GLY E 179 -4.27 5.25 28.78
C GLY E 179 -3.90 3.87 28.30
N SER E 180 -4.91 3.01 28.08
CA SER E 180 -4.74 1.64 27.63
C SER E 180 -3.86 1.47 26.39
N PHE E 181 -3.88 2.48 25.53
CA PHE E 181 -3.10 2.47 24.31
C PHE E 181 -1.60 2.37 24.62
N ARG E 182 -1.11 3.35 25.37
CA ARG E 182 0.28 3.37 25.73
C ARG E 182 0.71 2.06 26.40
N ARG E 183 -0.27 1.39 27.01
CA ARG E 183 -0.04 0.13 27.68
C ARG E 183 -0.22 -1.07 26.78
N GLY E 184 -0.16 -0.79 25.48
CA GLY E 184 -0.30 -1.81 24.47
C GLY E 184 -1.47 -2.78 24.65
N ALA E 185 -2.62 -2.29 25.14
CA ALA E 185 -3.79 -3.15 25.33
C ALA E 185 -4.42 -3.54 24.00
N GLU E 186 -4.44 -4.87 23.75
CA GLU E 186 -5.00 -5.44 22.52
C GLU E 186 -6.39 -4.87 22.20
N SER E 187 -7.05 -4.48 23.27
CA SER E 187 -8.36 -3.90 23.22
C SER E 187 -8.37 -2.79 24.23
N SER E 188 -8.98 -1.67 23.92
CA SER E 188 -9.00 -0.61 24.90
C SER E 188 -10.45 -0.23 25.10
N GLY E 189 -10.73 0.59 26.11
CA GLY E 189 -12.09 1.02 26.41
C GLY E 189 -12.53 2.31 25.75
N ASP E 190 -11.63 3.23 25.64
CA ASP E 190 -12.07 4.42 25.02
C ASP E 190 -10.88 5.21 24.68
N MET E 191 -11.15 6.18 23.84
CA MET E 191 -10.11 7.04 23.39
C MET E 191 -9.75 8.00 24.46
N ASP E 192 -8.55 7.77 24.91
CA ASP E 192 -7.95 8.55 25.95
C ASP E 192 -6.89 9.43 25.30
N VAL E 193 -7.30 10.59 24.77
CA VAL E 193 -6.33 11.46 24.12
C VAL E 193 -5.80 12.72 24.80
N LEU E 194 -4.49 12.78 24.88
CA LEU E 194 -3.81 13.89 25.48
C LEU E 194 -3.57 14.99 24.48
N LEU E 195 -3.46 16.23 24.96
CA LEU E 195 -3.24 17.33 24.04
C LEU E 195 -2.44 18.53 24.49
N THR E 196 -1.70 19.12 23.52
CA THR E 196 -0.88 20.29 23.79
C THR E 196 -0.49 21.18 22.59
N HIS E 197 -0.10 22.44 22.90
CA HIS E 197 0.29 23.49 21.94
C HIS E 197 1.14 24.63 22.53
N PRO E 198 2.35 24.75 21.97
CA PRO E 198 3.47 25.67 22.23
C PRO E 198 3.33 27.02 22.91
N ASN E 199 2.13 27.51 23.21
CA ASN E 199 2.04 28.83 23.86
C ASN E 199 1.49 28.80 25.27
N PHE E 200 0.65 27.76 25.45
CA PHE E 200 -0.13 27.33 26.61
C PHE E 200 0.74 26.85 27.78
N THR E 201 0.51 27.45 28.97
CA THR E 201 1.26 27.12 30.19
C THR E 201 0.62 27.61 31.48
N SER E 202 1.46 27.58 32.49
CA SER E 202 1.09 28.01 33.80
C SER E 202 1.09 29.53 33.81
N GLU E 203 1.74 30.09 32.78
CA GLU E 203 1.86 31.51 32.64
C GLU E 203 1.02 32.20 31.55
N SER E 204 0.35 31.40 30.68
CA SER E 204 -0.50 31.89 29.58
C SER E 204 -1.97 31.97 30.03
N SER E 205 -2.34 30.93 30.75
CA SER E 205 -3.65 30.75 31.35
C SER E 205 -4.87 31.39 30.66
N LYS E 206 -5.50 30.59 29.82
CA LYS E 206 -6.67 30.90 29.07
C LYS E 206 -6.74 29.97 27.93
N GLN E 207 -6.84 30.48 26.68
CA GLN E 207 -6.90 29.74 25.40
C GLN E 207 -7.70 28.42 25.25
N PRO E 208 -8.43 27.95 26.30
CA PRO E 208 -9.19 26.71 26.28
C PRO E 208 -9.86 26.40 24.97
N LYS E 209 -10.18 27.44 24.20
CA LYS E 209 -10.84 27.28 22.92
C LYS E 209 -10.14 26.34 21.97
N LEU E 210 -8.81 26.26 22.13
CA LEU E 210 -8.00 25.39 21.34
C LEU E 210 -8.66 24.05 21.46
N LEU E 211 -9.00 23.71 22.73
CA LEU E 211 -9.68 22.45 23.03
C LEU E 211 -10.94 22.52 22.16
N HIS E 212 -11.71 23.57 22.43
CA HIS E 212 -12.94 23.87 21.77
C HIS E 212 -12.84 23.70 20.24
N ARG E 213 -11.71 24.07 19.67
CA ARG E 213 -11.59 23.93 18.24
C ARG E 213 -11.66 22.51 17.68
N VAL E 214 -10.70 21.71 18.09
CA VAL E 214 -10.56 20.32 17.63
C VAL E 214 -11.84 19.53 17.59
N VAL E 215 -12.58 19.71 18.68
CA VAL E 215 -13.85 19.08 18.87
C VAL E 215 -14.77 19.73 17.90
N GLU E 216 -14.59 21.07 17.86
CA GLU E 216 -15.37 21.92 17.02
C GLU E 216 -15.25 21.41 15.65
N GLN E 217 -14.05 21.25 15.21
CA GLN E 217 -14.03 20.73 13.88
C GLN E 217 -14.42 19.25 13.83
N LEU E 218 -14.04 18.51 14.90
CA LEU E 218 -14.29 17.07 15.08
C LEU E 218 -15.72 16.66 14.98
N GLN E 219 -16.52 17.60 15.47
CA GLN E 219 -17.95 17.55 15.49
C GLN E 219 -18.48 17.83 14.08
N LYS E 220 -17.93 18.92 13.48
CA LYS E 220 -18.24 19.42 12.15
C LYS E 220 -17.96 18.40 11.05
N VAL E 221 -16.84 17.74 11.18
CA VAL E 221 -16.40 16.74 10.23
C VAL E 221 -17.22 15.45 10.26
N ARG E 222 -17.95 15.26 11.37
CA ARG E 222 -18.82 14.11 11.66
C ARG E 222 -18.09 13.02 12.43
N PHE E 223 -17.48 13.42 13.54
CA PHE E 223 -16.76 12.46 14.34
C PHE E 223 -17.34 12.30 15.73
N ILE E 224 -17.15 13.34 16.49
CA ILE E 224 -17.69 13.23 17.76
C ILE E 224 -19.13 13.44 17.48
N THR E 225 -19.92 12.56 17.96
CA THR E 225 -21.28 12.76 17.68
C THR E 225 -21.89 13.50 18.83
N ASP E 226 -21.65 12.90 20.01
CA ASP E 226 -22.15 13.38 21.27
C ASP E 226 -21.14 14.05 22.21
N THR E 227 -21.68 14.96 23.02
CA THR E 227 -20.88 15.73 23.94
C THR E 227 -21.29 15.75 25.39
N LEU E 228 -20.54 15.02 26.18
CA LEU E 228 -20.75 14.89 27.59
C LEU E 228 -20.26 15.98 28.49
N SER E 229 -19.26 16.71 28.04
CA SER E 229 -18.74 17.79 28.83
C SER E 229 -17.82 18.65 27.99
N LYS E 230 -18.04 19.96 28.01
CA LYS E 230 -17.21 20.85 27.21
C LYS E 230 -16.43 21.81 28.06
N GLY E 231 -15.81 21.31 29.15
CA GLY E 231 -15.02 22.11 30.08
C GLY E 231 -13.77 22.78 29.48
N GLU E 232 -13.23 23.73 30.16
CA GLU E 232 -12.07 24.33 29.59
C GLU E 232 -10.81 23.46 29.44
N THR E 233 -10.55 22.48 30.30
CA THR E 233 -9.34 21.66 30.17
C THR E 233 -9.66 20.23 29.88
N LYS E 234 -10.92 19.97 29.60
CA LYS E 234 -11.31 18.61 29.36
C LYS E 234 -12.55 18.41 28.48
N PHE E 235 -12.70 17.22 27.89
CA PHE E 235 -13.86 16.98 27.06
C PHE E 235 -14.24 15.51 27.00
N MET E 236 -15.43 15.18 27.39
CA MET E 236 -15.74 13.78 27.31
C MET E 236 -16.71 13.52 26.24
N GLY E 237 -16.50 12.53 25.41
CA GLY E 237 -17.54 12.46 24.45
C GLY E 237 -17.66 11.17 23.73
N VAL E 238 -18.51 11.23 22.74
CA VAL E 238 -18.75 10.07 21.95
C VAL E 238 -18.52 10.33 20.52
N CYS E 239 -18.10 9.28 19.92
CA CYS E 239 -17.82 9.38 18.56
C CYS E 239 -18.02 8.02 18.03
N GLN E 240 -17.68 7.94 16.80
CA GLN E 240 -17.81 6.72 16.13
C GLN E 240 -17.19 6.91 14.76
N LEU E 241 -16.95 5.78 14.15
CA LEU E 241 -16.36 5.71 12.86
C LEU E 241 -17.35 6.03 11.77
N PRO E 242 -16.81 6.37 10.63
CA PRO E 242 -17.62 6.67 9.48
C PRO E 242 -17.92 5.33 8.83
N SER E 243 -18.95 5.23 7.97
CA SER E 243 -19.21 3.92 7.40
C SER E 243 -19.52 3.85 5.91
N GLU E 244 -20.12 2.72 5.62
CA GLU E 244 -20.59 2.27 4.31
C GLU E 244 -21.54 1.15 4.69
N ASN E 245 -22.76 1.68 4.84
CA ASN E 245 -23.95 1.00 5.24
C ASN E 245 -23.88 1.01 6.76
N GLU E 249 -22.50 -0.79 9.88
CA GLU E 249 -22.15 0.23 10.87
C GLU E 249 -21.27 -0.25 12.05
N TYR E 250 -20.70 0.72 12.83
CA TYR E 250 -19.81 0.50 14.00
C TYR E 250 -20.31 1.19 15.29
N PRO E 251 -19.69 0.85 16.43
CA PRO E 251 -20.13 1.44 17.65
C PRO E 251 -19.52 2.79 17.91
N HIS E 252 -20.36 3.53 18.63
CA HIS E 252 -20.06 4.86 19.04
C HIS E 252 -19.09 4.65 20.15
N ARG E 253 -17.98 5.36 20.15
CA ARG E 253 -17.10 5.09 21.24
C ARG E 253 -16.89 6.24 22.18
N ARG E 254 -16.63 5.91 23.43
CA ARG E 254 -16.43 6.98 24.35
C ARG E 254 -15.18 7.63 23.97
N ILE E 255 -15.14 8.89 24.31
CA ILE E 255 -13.96 9.57 23.97
C ILE E 255 -13.67 10.71 24.91
N ASP E 256 -12.43 10.96 24.98
CA ASP E 256 -12.08 12.01 25.84
C ASP E 256 -10.80 12.59 25.41
N ILE E 257 -10.72 13.91 25.63
CA ILE E 257 -9.57 14.68 25.31
C ILE E 257 -9.28 15.63 26.44
N ARG E 258 -8.03 15.87 26.63
CA ARG E 258 -7.75 16.78 27.67
C ARG E 258 -6.59 17.64 27.26
N LEU E 259 -6.67 18.88 27.58
CA LEU E 259 -5.56 19.70 27.15
C LEU E 259 -4.78 20.19 28.34
N ILE E 260 -3.45 20.31 28.19
CA ILE E 260 -2.53 20.77 29.24
C ILE E 260 -1.63 21.90 28.81
N PRO E 261 -1.02 22.51 29.83
CA PRO E 261 -0.09 23.58 29.70
C PRO E 261 1.16 22.80 29.46
N LYS E 262 1.50 22.80 28.18
CA LYS E 262 2.63 22.15 27.62
C LYS E 262 3.79 21.98 28.57
N ASP E 263 4.05 23.04 29.32
CA ASP E 263 5.13 23.00 30.26
C ASP E 263 5.03 21.83 31.25
N GLN E 264 3.85 21.28 31.43
CA GLN E 264 3.78 20.20 32.35
C GLN E 264 3.57 18.86 31.71
N TYR E 265 3.53 18.86 30.36
CA TYR E 265 3.33 17.69 29.51
C TYR E 265 3.66 16.37 30.12
N TYR E 266 4.81 16.32 30.78
CA TYR E 266 5.21 15.09 31.41
C TYR E 266 4.16 14.40 32.35
N CYS E 267 3.59 15.11 33.36
CA CYS E 267 2.57 14.50 34.26
C CYS E 267 1.37 14.16 33.46
N GLY E 268 1.39 14.87 32.35
CA GLY E 268 0.39 14.78 31.33
C GLY E 268 0.43 13.37 30.82
N VAL E 269 1.55 12.91 30.37
CA VAL E 269 1.52 11.56 29.90
C VAL E 269 1.34 10.55 30.99
N LEU E 270 2.02 10.85 32.07
CA LEU E 270 2.03 10.05 33.24
C LEU E 270 0.64 9.58 33.64
N TYR E 271 -0.16 10.55 34.12
CA TYR E 271 -1.55 10.36 34.57
C TYR E 271 -2.38 9.64 33.52
N PHE E 272 -2.57 10.29 32.37
CA PHE E 272 -3.33 9.75 31.29
C PHE E 272 -2.88 8.35 30.93
N THR E 273 -1.68 8.04 31.34
CA THR E 273 -1.32 6.72 31.00
C THR E 273 -1.61 5.92 32.23
N GLY E 274 -0.61 5.96 33.09
CA GLY E 274 -0.58 5.29 34.36
C GLY E 274 -1.10 3.86 34.42
N SER E 275 -2.32 3.78 34.94
CA SER E 275 -3.19 2.64 35.20
C SER E 275 -3.56 2.79 36.62
N ASP E 276 -4.71 3.42 36.79
CA ASP E 276 -5.31 3.76 38.04
C ASP E 276 -4.47 3.63 39.26
N ILE E 277 -4.40 2.39 39.64
CA ILE E 277 -3.68 1.98 40.78
C ILE E 277 -2.27 2.54 40.71
N PHE E 278 -1.69 2.35 39.54
CA PHE E 278 -0.37 2.78 39.27
C PHE E 278 -0.11 4.21 39.72
N ASN E 279 -0.89 5.12 39.20
CA ASN E 279 -0.75 6.52 39.55
C ASN E 279 -0.80 6.75 41.04
N LYS E 280 -1.76 6.08 41.62
CA LYS E 280 -1.98 6.18 43.03
C LYS E 280 -0.76 5.80 43.83
N ASN E 281 -0.24 4.59 43.54
CA ASN E 281 0.93 4.01 44.20
C ASN E 281 1.98 5.05 44.29
N MET E 282 2.26 5.53 43.08
CA MET E 282 3.25 6.55 42.90
C MET E 282 2.89 7.70 43.78
N ARG E 283 1.78 8.35 43.41
CA ARG E 283 1.23 9.51 44.10
C ARG E 283 1.30 9.29 45.56
N ALA E 284 1.10 8.02 45.89
CA ALA E 284 1.12 7.50 47.23
C ALA E 284 2.52 7.54 47.73
N HIS E 285 3.39 6.79 47.04
CA HIS E 285 4.78 6.70 47.40
C HIS E 285 5.34 8.10 47.64
N ALA E 286 4.98 8.98 46.72
CA ALA E 286 5.37 10.38 46.70
C ALA E 286 5.23 11.16 48.01
N LEU E 287 4.03 11.11 48.54
CA LEU E 287 3.73 11.80 49.75
C LEU E 287 4.71 11.36 50.80
N GLU E 288 4.92 10.04 50.80
CA GLU E 288 5.83 9.38 51.72
C GLU E 288 7.22 9.98 51.58
N LYS E 289 7.63 10.17 50.31
CA LYS E 289 8.92 10.73 49.91
C LYS E 289 9.06 12.27 49.92
N GLY E 290 8.02 13.01 50.38
CA GLY E 290 8.04 14.49 50.45
C GLY E 290 7.54 15.27 49.22
N PHE E 291 6.61 14.65 48.46
CA PHE E 291 5.98 15.19 47.23
C PHE E 291 4.58 14.70 47.03
N THR E 292 3.92 15.45 46.16
CA THR E 292 2.58 15.17 45.78
C THR E 292 2.54 15.45 44.31
N ILE E 293 2.28 14.41 43.59
CA ILE E 293 2.25 14.61 42.20
C ILE E 293 0.89 14.97 41.77
N ASN E 294 0.87 15.38 40.54
CA ASN E 294 -0.33 15.74 39.94
C ASN E 294 -0.21 15.60 38.44
N GLU E 295 -1.32 15.76 37.72
CA GLU E 295 -1.25 15.63 36.28
C GLU E 295 -0.65 16.87 35.71
N TYR E 296 -0.30 17.74 36.65
CA TYR E 296 0.30 18.99 36.33
C TYR E 296 1.76 19.06 36.72
N THR E 297 2.00 18.90 38.01
CA THR E 297 3.36 18.95 38.50
C THR E 297 3.56 18.06 39.70
N ILE E 298 4.83 18.04 40.09
CA ILE E 298 5.36 17.31 41.24
C ILE E 298 6.03 18.39 42.04
N ARG E 299 5.73 18.41 43.34
CA ARG E 299 6.30 19.39 44.22
C ARG E 299 6.69 18.83 45.59
N PRO E 300 7.72 19.45 46.18
CA PRO E 300 8.17 19.01 47.46
C PRO E 300 7.16 19.38 48.48
N LEU E 301 6.99 18.47 49.41
CA LEU E 301 6.08 18.71 50.49
C LEU E 301 6.92 19.35 51.55
N GLY E 302 6.96 20.68 51.54
CA GLY E 302 7.74 21.44 52.49
C GLY E 302 7.27 21.23 53.91
N VAL E 303 7.64 20.02 54.43
CA VAL E 303 7.39 19.45 55.77
C VAL E 303 6.24 20.03 56.65
N THR E 304 6.14 21.36 56.59
CA THR E 304 5.16 22.17 57.29
C THR E 304 3.75 21.86 56.71
N GLY E 305 3.74 21.30 55.47
CA GLY E 305 2.56 20.88 54.67
C GLY E 305 2.71 21.17 53.15
N VAL E 306 2.89 22.47 52.91
CA VAL E 306 3.08 23.23 51.67
C VAL E 306 3.59 22.49 50.45
N ALA E 307 2.87 22.60 49.33
CA ALA E 307 3.35 21.94 48.13
C ALA E 307 4.36 22.96 47.59
N GLY E 308 5.53 22.52 47.14
CA GLY E 308 6.53 23.45 46.65
C GLY E 308 6.36 23.88 45.20
N GLU E 309 7.33 24.75 44.79
CA GLU E 309 7.42 25.31 43.46
C GLU E 309 7.98 24.22 42.54
N PRO E 310 7.11 23.89 41.58
CA PRO E 310 7.28 22.87 40.57
C PRO E 310 8.65 22.40 40.17
N LEU E 311 8.68 21.09 40.20
CA LEU E 311 9.85 20.35 39.88
C LEU E 311 10.06 20.25 38.38
N PRO E 312 11.35 20.34 38.07
CA PRO E 312 11.91 20.27 36.74
C PRO E 312 11.63 18.88 36.15
N VAL E 313 10.80 18.81 35.08
CA VAL E 313 10.43 17.52 34.47
C VAL E 313 10.56 17.24 32.94
N ASP E 314 11.80 17.10 32.48
CA ASP E 314 12.21 16.84 31.09
C ASP E 314 11.80 15.47 30.49
N SER E 315 11.23 14.61 31.33
CA SER E 315 10.78 13.28 30.96
C SER E 315 10.21 12.52 32.17
N GLU E 316 9.38 11.50 31.90
CA GLU E 316 8.74 10.70 32.94
C GLU E 316 9.72 10.26 33.99
N GLN E 317 10.88 9.93 33.45
CA GLN E 317 12.05 9.46 34.15
C GLN E 317 12.28 10.28 35.40
N ASP E 318 12.36 11.58 35.18
CA ASP E 318 12.60 12.53 36.22
C ASP E 318 11.73 12.30 37.42
N ILE E 319 10.48 12.10 37.08
CA ILE E 319 9.49 11.86 38.06
C ILE E 319 9.91 10.70 38.97
N PHE E 320 9.82 9.46 38.44
CA PHE E 320 10.17 8.25 39.15
C PHE E 320 11.46 8.42 39.85
N ASP E 321 12.35 9.11 39.13
CA ASP E 321 13.64 9.34 39.68
C ASP E 321 13.43 10.04 40.98
N TYR E 322 12.83 11.22 40.88
CA TYR E 322 12.54 12.06 42.03
C TYR E 322 12.02 11.25 43.18
N ILE E 323 11.12 10.36 42.80
CA ILE E 323 10.50 9.50 43.74
C ILE E 323 11.34 8.31 44.12
N GLN E 324 12.57 8.30 43.63
CA GLN E 324 13.47 7.21 43.92
C GLN E 324 12.96 5.93 43.37
N TRP E 325 11.94 6.02 42.54
CA TRP E 325 11.35 4.85 41.94
C TRP E 325 11.91 4.61 40.57
N ARG E 326 12.11 3.34 40.23
CA ARG E 326 12.64 2.90 38.93
C ARG E 326 11.66 3.27 37.83
N TYR E 327 12.12 3.77 36.71
CA TYR E 327 11.10 4.07 35.73
C TYR E 327 10.51 2.78 35.23
N ARG E 328 9.23 2.82 34.92
CA ARG E 328 8.59 1.65 34.42
C ARG E 328 8.20 1.98 33.00
N GLU E 329 8.33 1.08 32.07
CA GLU E 329 7.94 1.52 30.76
C GLU E 329 6.49 1.14 30.56
N PRO E 330 5.63 2.08 30.11
CA PRO E 330 4.22 1.87 29.90
C PRO E 330 3.61 0.50 29.87
N LYS E 331 3.92 -0.35 28.90
CA LYS E 331 3.31 -1.67 28.89
C LYS E 331 3.43 -2.44 30.22
N ASP E 332 4.36 -2.01 31.03
CA ASP E 332 4.50 -2.68 32.27
C ASP E 332 3.47 -2.16 33.26
N ARG E 333 3.31 -0.83 33.28
CA ARG E 333 2.42 0.00 34.14
C ARG E 333 1.21 -0.52 34.95
N SER E 334 0.59 -1.62 34.49
CA SER E 334 -0.59 -2.33 35.05
C SER E 334 -0.80 -2.45 36.58
N GLU E 335 0.19 -2.15 37.42
CA GLU E 335 -0.04 -2.29 38.86
C GLU E 335 0.48 -1.09 39.63
N GLU F 9 12.08 -30.34 -26.57
CA GLU F 9 13.39 -30.46 -25.93
C GLU F 9 13.87 -29.21 -25.14
N THR F 10 15.14 -28.75 -25.34
CA THR F 10 15.76 -27.56 -24.65
C THR F 10 15.38 -27.34 -23.14
N LEU F 11 16.19 -27.95 -22.21
CA LEU F 11 16.14 -28.01 -20.72
C LEU F 11 15.63 -26.90 -19.78
N ASN F 12 15.58 -25.64 -20.19
CA ASN F 12 15.10 -24.65 -19.25
C ASN F 12 13.95 -23.76 -19.70
N GLY F 13 13.43 -23.99 -20.89
CA GLY F 13 12.33 -23.24 -21.49
C GLY F 13 11.19 -22.79 -20.60
N GLY F 14 10.81 -23.64 -19.63
CA GLY F 14 9.73 -23.30 -18.74
C GLY F 14 10.13 -22.00 -18.11
N ILE F 15 11.21 -22.07 -17.38
CA ILE F 15 11.70 -20.90 -16.73
C ILE F 15 11.87 -19.67 -17.62
N THR F 16 12.28 -19.93 -18.83
CA THR F 16 12.46 -18.85 -19.73
C THR F 16 11.16 -18.13 -19.96
N ASP F 17 10.20 -18.86 -20.50
CA ASP F 17 8.89 -18.35 -20.82
C ASP F 17 8.27 -17.62 -19.69
N MET F 18 8.49 -18.18 -18.55
CA MET F 18 7.96 -17.64 -17.36
C MET F 18 8.51 -16.27 -17.20
N LEU F 19 9.81 -16.26 -17.31
CA LEU F 19 10.57 -15.08 -17.17
C LEU F 19 10.03 -14.07 -18.12
N VAL F 20 9.98 -14.47 -19.34
CA VAL F 20 9.51 -13.56 -20.31
C VAL F 20 8.12 -12.96 -20.16
N GLU F 21 7.10 -13.79 -19.97
CA GLU F 21 5.75 -13.29 -19.84
C GLU F 21 5.78 -12.33 -18.73
N LEU F 22 6.39 -12.82 -17.69
CA LEU F 22 6.57 -12.06 -16.51
C LEU F 22 7.27 -10.76 -16.90
N ALA F 23 8.00 -10.79 -17.98
CA ALA F 23 8.66 -9.55 -18.35
C ALA F 23 7.70 -8.55 -18.90
N ASN F 24 7.10 -8.97 -20.02
CA ASN F 24 6.17 -8.17 -20.72
C ASN F 24 5.19 -7.46 -19.80
N PHE F 25 4.56 -8.14 -18.83
CA PHE F 25 3.61 -7.47 -17.91
C PHE F 25 4.17 -6.29 -17.14
N GLU F 26 5.48 -6.32 -16.93
CA GLU F 26 6.09 -5.23 -16.23
C GLU F 26 6.25 -4.12 -17.23
N LYS F 27 6.48 -4.53 -18.47
CA LYS F 27 6.65 -3.63 -19.58
C LYS F 27 5.47 -2.74 -19.76
N ASN F 28 4.36 -3.37 -20.09
CA ASN F 28 3.09 -2.72 -20.35
C ASN F 28 1.95 -2.68 -19.30
N VAL F 29 2.03 -3.39 -18.19
CA VAL F 29 0.90 -3.23 -17.28
C VAL F 29 1.20 -2.04 -16.41
N SER F 30 2.50 -1.74 -16.30
CA SER F 30 3.03 -0.64 -15.51
C SER F 30 4.14 0.15 -16.24
N GLN F 31 4.81 1.11 -15.57
CA GLN F 31 5.88 1.87 -16.24
C GLN F 31 7.18 1.05 -16.41
N ALA F 32 7.39 0.15 -15.46
CA ALA F 32 8.51 -0.78 -15.32
C ALA F 32 9.38 -1.15 -16.52
N ILE F 33 10.14 -0.20 -17.00
CA ILE F 33 10.98 -0.52 -18.12
C ILE F 33 12.22 -1.28 -17.68
N HIS F 34 12.92 -0.76 -16.67
CA HIS F 34 14.15 -1.37 -16.13
C HIS F 34 13.91 -2.82 -15.85
N LYS F 35 12.83 -3.02 -15.07
CA LYS F 35 12.36 -4.31 -14.64
C LYS F 35 12.21 -5.23 -15.87
N TYR F 36 11.56 -4.79 -16.93
CA TYR F 36 11.39 -5.62 -18.11
C TYR F 36 12.65 -6.09 -18.66
N ASN F 37 13.50 -5.10 -18.77
CA ASN F 37 14.78 -5.29 -19.31
C ASN F 37 15.44 -6.41 -18.63
N ALA F 38 15.43 -6.24 -17.34
CA ALA F 38 16.02 -7.19 -16.44
C ALA F 38 15.57 -8.61 -16.75
N TYR F 39 14.28 -8.83 -16.67
CA TYR F 39 13.74 -10.14 -16.94
C TYR F 39 14.14 -10.57 -18.34
N ARG F 40 14.03 -9.64 -19.30
CA ARG F 40 14.36 -9.99 -20.67
C ARG F 40 15.78 -10.51 -20.81
N LYS F 41 16.64 -9.65 -20.34
CA LYS F 41 18.02 -9.91 -20.36
C LYS F 41 18.29 -11.24 -19.68
N ALA F 42 17.96 -11.35 -18.40
CA ALA F 42 18.16 -12.56 -17.62
C ALA F 42 17.64 -13.76 -18.32
N ALA F 43 16.45 -13.56 -18.83
CA ALA F 43 15.75 -14.56 -19.55
C ALA F 43 16.63 -15.06 -20.63
N SER F 44 17.33 -14.11 -21.20
CA SER F 44 18.22 -14.42 -22.28
C SER F 44 19.37 -15.23 -21.74
N VAL F 45 19.85 -14.77 -20.60
CA VAL F 45 20.96 -15.44 -20.03
C VAL F 45 20.73 -16.86 -19.53
N ILE F 46 19.63 -17.09 -18.81
CA ILE F 46 19.34 -18.43 -18.30
C ILE F 46 19.06 -19.39 -19.45
N ALA F 47 18.65 -18.74 -20.53
CA ALA F 47 18.32 -19.33 -21.80
C ALA F 47 19.58 -19.71 -22.60
N LYS F 48 20.72 -19.19 -22.13
CA LYS F 48 22.01 -19.46 -22.73
C LYS F 48 22.54 -20.69 -22.06
N TYR F 49 22.65 -20.55 -20.71
CA TYR F 49 23.10 -21.54 -19.74
C TYR F 49 22.54 -22.86 -20.13
N PRO F 50 23.36 -23.90 -20.02
CA PRO F 50 22.94 -25.24 -20.40
C PRO F 50 23.34 -26.38 -19.49
N HIS F 51 22.59 -26.52 -18.44
CA HIS F 51 22.69 -27.51 -17.41
C HIS F 51 21.38 -27.23 -16.71
N LYS F 52 20.37 -28.10 -16.92
CA LYS F 52 19.04 -27.95 -16.32
C LYS F 52 19.12 -27.36 -14.95
N ILE F 53 18.75 -26.08 -14.93
CA ILE F 53 18.77 -25.32 -13.73
C ILE F 53 17.84 -25.97 -12.82
N LYS F 54 18.44 -26.35 -11.72
CA LYS F 54 17.72 -27.03 -10.70
C LYS F 54 17.30 -26.13 -9.56
N SER F 55 17.84 -24.95 -9.46
CA SER F 55 17.39 -24.16 -8.35
C SER F 55 17.99 -22.81 -8.37
N GLY F 56 17.28 -21.94 -7.68
CA GLY F 56 17.60 -20.54 -7.53
C GLY F 56 19.06 -20.29 -7.28
N ALA F 57 19.54 -20.99 -6.26
CA ALA F 57 20.92 -20.87 -5.88
C ALA F 57 21.84 -21.03 -7.05
N GLU F 58 21.77 -22.22 -7.67
CA GLU F 58 22.57 -22.55 -8.81
C GLU F 58 22.48 -21.44 -9.78
N ALA F 59 21.25 -21.07 -9.98
CA ALA F 59 20.95 -19.99 -10.88
C ALA F 59 21.48 -18.61 -10.44
N LYS F 60 21.28 -18.28 -9.17
CA LYS F 60 21.72 -17.00 -8.65
C LYS F 60 23.11 -16.56 -9.02
N LYS F 61 23.95 -17.55 -9.36
CA LYS F 61 25.35 -17.38 -9.74
C LYS F 61 25.56 -16.52 -10.98
N LEU F 62 24.74 -16.95 -11.93
CA LEU F 62 24.59 -16.44 -13.24
C LEU F 62 24.59 -14.92 -13.09
N PRO F 63 25.35 -14.34 -14.00
CA PRO F 63 25.58 -12.93 -14.12
C PRO F 63 24.30 -12.25 -14.50
N GLY F 64 23.91 -11.31 -13.67
CA GLY F 64 22.70 -10.52 -13.88
C GLY F 64 21.44 -11.03 -13.20
N VAL F 65 21.34 -12.34 -13.04
CA VAL F 65 20.16 -12.88 -12.40
C VAL F 65 20.47 -12.55 -11.00
N GLY F 66 19.46 -12.13 -10.27
CA GLY F 66 19.68 -11.79 -8.90
C GLY F 66 18.50 -12.14 -8.03
N THR F 67 18.77 -12.01 -6.75
CA THR F 67 17.89 -12.25 -5.63
C THR F 67 16.42 -12.27 -5.98
N LYS F 68 15.85 -11.10 -6.25
CA LYS F 68 14.44 -11.07 -6.60
C LYS F 68 14.12 -11.98 -7.78
N ILE F 69 15.05 -12.13 -8.73
CA ILE F 69 14.78 -12.98 -9.88
C ILE F 69 14.78 -14.42 -9.58
N ALA F 70 15.57 -14.66 -8.59
CA ALA F 70 15.79 -15.95 -8.05
C ALA F 70 14.53 -16.46 -7.42
N GLU F 71 13.95 -15.58 -6.62
CA GLU F 71 12.73 -15.90 -5.92
C GLU F 71 11.68 -16.49 -6.85
N LYS F 72 11.24 -15.70 -7.83
CA LYS F 72 10.23 -16.10 -8.81
C LYS F 72 10.54 -17.46 -9.38
N ILE F 73 11.83 -17.73 -9.35
CA ILE F 73 12.43 -18.96 -9.85
C ILE F 73 12.19 -20.14 -8.89
N ASP F 74 12.35 -19.87 -7.61
CA ASP F 74 12.13 -20.92 -6.66
C ASP F 74 10.70 -21.41 -6.72
N GLU F 75 9.79 -20.44 -6.66
CA GLU F 75 8.35 -20.71 -6.71
C GLU F 75 8.06 -21.61 -7.88
N PHE F 76 8.56 -21.23 -9.04
CA PHE F 76 8.35 -22.03 -10.22
C PHE F 76 9.05 -23.37 -10.07
N LEU F 77 10.06 -23.44 -9.22
CA LEU F 77 10.71 -24.72 -9.11
C LEU F 77 9.78 -25.73 -8.46
N ALA F 78 9.15 -25.23 -7.42
CA ALA F 78 8.21 -26.00 -6.66
C ALA F 78 6.92 -26.22 -7.48
N THR F 79 6.07 -25.18 -7.58
CA THR F 79 4.83 -25.31 -8.35
C THR F 79 4.98 -24.79 -9.75
N GLY F 80 4.46 -25.51 -10.73
CA GLY F 80 4.57 -25.05 -12.10
C GLY F 80 3.95 -23.65 -12.34
N LYS F 81 3.63 -22.94 -11.29
CA LYS F 81 3.07 -21.63 -11.42
C LYS F 81 3.70 -20.71 -10.39
N LEU F 82 3.30 -19.46 -10.46
CA LEU F 82 3.75 -18.43 -9.56
C LEU F 82 2.44 -17.80 -9.25
N ARG F 83 2.22 -17.49 -7.99
CA ARG F 83 0.95 -16.88 -7.73
C ARG F 83 0.86 -15.57 -8.47
N LYS F 84 1.97 -14.80 -8.40
CA LYS F 84 2.09 -13.49 -9.06
C LYS F 84 1.53 -13.57 -10.48
N LEU F 85 2.07 -14.50 -11.24
CA LEU F 85 1.70 -14.76 -12.62
C LEU F 85 0.25 -15.21 -12.70
N GLU F 86 -0.14 -15.95 -11.70
CA GLU F 86 -1.50 -16.40 -11.69
C GLU F 86 -2.40 -15.19 -11.63
N LYS F 87 -2.00 -14.25 -10.77
CA LYS F 87 -2.71 -13.00 -10.56
C LYS F 87 -2.92 -12.24 -11.87
N ILE F 88 -1.84 -12.10 -12.60
CA ILE F 88 -1.91 -11.39 -13.83
C ILE F 88 -2.95 -11.97 -14.79
N ARG F 89 -3.28 -13.25 -14.64
CA ARG F 89 -4.28 -13.82 -15.53
C ARG F 89 -5.75 -13.49 -15.15
N GLN F 90 -6.07 -13.75 -13.88
CA GLN F 90 -7.40 -13.53 -13.32
C GLN F 90 -7.79 -12.07 -13.22
N ASP F 91 -6.77 -11.26 -13.20
CA ASP F 91 -7.05 -9.86 -13.11
C ASP F 91 -7.40 -9.36 -14.48
N ASP F 92 -8.55 -8.75 -14.56
CA ASP F 92 -9.01 -8.24 -15.82
C ASP F 92 -8.15 -7.17 -16.48
N THR F 93 -7.66 -6.19 -15.75
CA THR F 93 -6.87 -5.16 -16.39
C THR F 93 -5.68 -5.61 -17.21
N SER F 94 -4.85 -6.44 -16.61
CA SER F 94 -3.69 -6.90 -17.34
C SER F 94 -4.16 -7.50 -18.64
N SER F 95 -5.15 -8.37 -18.55
CA SER F 95 -5.71 -9.02 -19.72
C SER F 95 -6.08 -8.07 -20.85
N SER F 96 -6.70 -6.97 -20.51
CA SER F 96 -7.11 -6.03 -21.50
C SER F 96 -5.97 -5.41 -22.26
N ILE F 97 -5.10 -4.88 -21.41
CA ILE F 97 -3.91 -4.21 -21.77
C ILE F 97 -3.23 -4.92 -22.90
N ASN F 98 -2.91 -6.16 -22.69
CA ASN F 98 -2.29 -6.93 -23.70
C ASN F 98 -3.09 -6.92 -25.00
N PHE F 99 -4.40 -7.01 -24.90
CA PHE F 99 -5.15 -7.03 -26.13
C PHE F 99 -5.01 -5.84 -27.04
N LEU F 100 -5.30 -4.69 -26.43
CA LEU F 100 -5.23 -3.42 -27.12
C LEU F 100 -3.91 -3.35 -27.86
N THR F 101 -2.84 -3.83 -27.20
CA THR F 101 -1.50 -3.85 -27.73
C THR F 101 -1.35 -4.61 -28.99
N ARG F 102 -2.30 -5.49 -29.15
CA ARG F 102 -2.28 -6.26 -30.32
C ARG F 102 -2.60 -5.40 -31.50
N VAL F 103 -2.95 -4.17 -31.23
CA VAL F 103 -3.26 -3.32 -32.31
C VAL F 103 -2.15 -2.39 -32.62
N THR F 104 -2.05 -2.25 -33.90
CA THR F 104 -1.07 -1.42 -34.42
C THR F 104 -1.49 -0.03 -34.25
N GLY F 105 -0.65 0.69 -33.52
CA GLY F 105 -0.85 2.08 -33.23
C GLY F 105 -0.90 2.25 -31.74
N ILE F 106 -1.32 1.15 -31.15
CA ILE F 106 -1.46 1.09 -29.74
C ILE F 106 -0.32 0.54 -29.03
N GLY F 107 0.38 1.43 -28.42
CA GLY F 107 1.53 1.14 -27.64
C GLY F 107 1.00 1.44 -26.28
N PRO F 108 1.63 0.96 -25.23
CA PRO F 108 1.25 1.15 -23.86
C PRO F 108 0.69 2.42 -23.26
N SER F 109 1.31 3.58 -23.50
CA SER F 109 0.77 4.78 -22.90
C SER F 109 -0.70 4.93 -23.30
N ALA F 110 -0.96 4.66 -24.57
CA ALA F 110 -2.28 4.75 -25.13
C ALA F 110 -3.24 3.79 -24.57
N ALA F 111 -2.81 2.54 -24.61
CA ALA F 111 -3.58 1.39 -24.16
C ALA F 111 -4.13 1.59 -22.80
N ARG F 112 -3.27 2.04 -21.93
CA ARG F 112 -3.67 2.28 -20.59
C ARG F 112 -4.79 3.36 -20.61
N LYS F 113 -4.64 4.42 -21.42
CA LYS F 113 -5.67 5.48 -21.47
C LYS F 113 -7.09 5.00 -21.72
N LEU F 114 -7.24 4.29 -22.80
CA LEU F 114 -8.49 3.74 -23.22
C LEU F 114 -9.18 2.99 -22.14
N VAL F 115 -8.38 2.29 -21.45
CA VAL F 115 -8.95 1.56 -20.40
C VAL F 115 -9.40 2.50 -19.27
N ASP F 116 -8.69 3.60 -19.06
CA ASP F 116 -9.13 4.49 -18.01
C ASP F 116 -10.49 5.05 -18.35
N GLU F 117 -10.73 5.01 -19.65
CA GLU F 117 -11.95 5.47 -20.23
C GLU F 117 -12.95 4.37 -20.45
N GLY F 118 -12.71 3.22 -19.85
CA GLY F 118 -13.63 2.11 -20.00
C GLY F 118 -13.67 1.40 -21.33
N ILE F 119 -12.61 1.55 -22.11
CA ILE F 119 -12.58 0.89 -23.40
C ILE F 119 -11.71 -0.36 -23.28
N LYS F 120 -12.21 -1.48 -23.78
CA LYS F 120 -11.43 -2.68 -23.68
C LYS F 120 -11.87 -3.85 -24.53
N THR F 121 -12.68 -3.62 -25.53
CA THR F 121 -13.09 -4.75 -26.32
C THR F 121 -13.08 -4.40 -27.78
N LEU F 122 -12.85 -5.40 -28.63
CA LEU F 122 -12.81 -5.24 -30.08
C LEU F 122 -14.01 -4.46 -30.47
N GLU F 123 -15.13 -4.99 -30.03
CA GLU F 123 -16.33 -4.30 -30.33
C GLU F 123 -16.24 -2.92 -29.66
N ASP F 124 -15.64 -2.83 -28.45
CA ASP F 124 -15.54 -1.55 -27.78
C ASP F 124 -14.88 -0.47 -28.64
N LEU F 125 -13.69 -0.79 -29.17
CA LEU F 125 -12.90 0.13 -30.01
C LEU F 125 -13.75 0.68 -31.16
N ARG F 126 -14.39 -0.25 -31.85
CA ARG F 126 -15.27 0.01 -32.97
C ARG F 126 -16.18 1.19 -32.64
N LYS F 127 -16.75 1.12 -31.44
CA LYS F 127 -17.66 2.14 -30.91
C LYS F 127 -16.92 3.44 -30.64
N ASN F 128 -15.67 3.29 -30.28
CA ASN F 128 -14.87 4.42 -29.95
C ASN F 128 -13.97 5.14 -30.93
N GLU F 129 -14.11 4.93 -32.27
CA GLU F 129 -13.29 5.59 -33.31
C GLU F 129 -13.06 7.03 -32.97
N ASP F 130 -14.07 7.56 -32.31
CA ASP F 130 -14.08 8.90 -31.83
C ASP F 130 -12.96 9.14 -30.84
N LYS F 131 -12.07 8.18 -30.65
CA LYS F 131 -10.94 8.27 -29.74
C LYS F 131 -9.53 7.96 -30.35
N LEU F 132 -9.55 7.11 -31.36
CA LEU F 132 -8.35 6.67 -32.03
C LEU F 132 -7.73 7.60 -33.05
N ASN F 133 -6.43 7.79 -32.83
CA ASN F 133 -5.66 8.61 -33.69
C ASN F 133 -5.74 7.85 -34.96
N HIS F 134 -5.73 8.58 -36.07
CA HIS F 134 -5.82 7.95 -37.37
C HIS F 134 -4.98 6.70 -37.52
N HIS F 135 -3.85 6.65 -36.85
CA HIS F 135 -3.06 5.46 -37.03
C HIS F 135 -3.82 4.27 -36.58
N GLN F 136 -4.08 4.30 -35.29
CA GLN F 136 -4.75 3.29 -34.59
C GLN F 136 -5.94 2.82 -35.33
N ARG F 137 -6.72 3.80 -35.77
CA ARG F 137 -7.94 3.57 -36.53
C ARG F 137 -7.68 2.48 -37.56
N ILE F 138 -6.48 2.43 -38.05
CA ILE F 138 -6.28 1.42 -39.02
C ILE F 138 -6.11 0.03 -38.50
N GLY F 139 -5.47 -0.04 -37.32
CA GLY F 139 -5.19 -1.30 -36.66
C GLY F 139 -6.47 -2.05 -36.66
N LEU F 140 -7.37 -1.40 -35.98
CA LEU F 140 -8.70 -1.91 -35.83
C LEU F 140 -9.29 -2.25 -37.18
N LYS F 141 -9.27 -1.25 -38.06
CA LYS F 141 -9.82 -1.41 -39.38
C LYS F 141 -9.34 -2.68 -40.05
N TYR F 142 -8.24 -3.24 -39.59
CA TYR F 142 -7.87 -4.44 -40.29
C TYR F 142 -7.44 -5.57 -39.44
N PHE F 143 -7.16 -5.17 -38.22
CA PHE F 143 -6.72 -5.97 -37.14
C PHE F 143 -6.43 -7.38 -37.46
N GLU F 144 -7.51 -8.16 -37.67
CA GLU F 144 -7.37 -9.58 -38.00
C GLU F 144 -6.50 -9.82 -39.21
N ASP F 145 -6.54 -8.91 -40.19
CA ASP F 145 -5.71 -9.09 -41.37
C ASP F 145 -4.29 -8.91 -40.92
N PHE F 146 -4.17 -7.98 -40.00
CA PHE F 146 -2.89 -7.70 -39.47
C PHE F 146 -2.28 -8.85 -38.74
N GLU F 147 -3.10 -9.72 -38.18
CA GLU F 147 -2.59 -10.85 -37.45
C GLU F 147 -2.07 -11.95 -38.32
N LYS F 148 -2.51 -11.89 -39.56
CA LYS F 148 -2.14 -12.87 -40.54
C LYS F 148 -0.76 -12.60 -41.06
N ARG F 149 -0.14 -13.69 -41.44
CA ARG F 149 1.21 -13.70 -41.98
C ARG F 149 1.15 -13.92 -43.46
N ILE F 150 2.13 -13.35 -44.13
CA ILE F 150 2.22 -13.46 -45.56
C ILE F 150 2.80 -14.77 -45.94
N PRO F 151 2.29 -15.41 -46.95
CA PRO F 151 3.01 -16.59 -47.15
C PRO F 151 4.12 -16.12 -48.06
N ARG F 152 5.02 -16.99 -48.43
CA ARG F 152 6.06 -16.49 -49.27
C ARG F 152 5.68 -16.08 -50.68
N GLU F 153 5.02 -17.01 -51.37
CA GLU F 153 4.59 -16.82 -52.76
C GLU F 153 4.01 -15.44 -53.01
N GLU F 154 3.01 -15.13 -52.22
CA GLU F 154 2.34 -13.87 -52.32
C GLU F 154 3.35 -12.74 -52.14
N MET F 155 4.19 -12.90 -51.12
CA MET F 155 5.23 -11.96 -50.79
C MET F 155 6.04 -11.71 -52.03
N LEU F 156 6.13 -12.79 -52.76
CA LEU F 156 6.85 -12.74 -53.97
C LEU F 156 6.12 -11.84 -54.98
N GLN F 157 4.86 -12.21 -55.30
CA GLN F 157 4.02 -11.48 -56.24
C GLN F 157 4.01 -10.00 -55.97
N MET F 158 3.75 -9.69 -54.71
CA MET F 158 3.72 -8.32 -54.31
C MET F 158 5.03 -7.69 -54.67
N GLN F 159 6.13 -8.38 -54.40
CA GLN F 159 7.41 -7.86 -54.72
C GLN F 159 7.48 -7.44 -56.18
N ASP F 160 7.26 -8.41 -57.08
CA ASP F 160 7.30 -8.18 -58.55
C ASP F 160 6.64 -6.90 -59.00
N ILE F 161 5.51 -6.67 -58.43
CA ILE F 161 4.80 -5.50 -58.78
C ILE F 161 5.61 -4.32 -58.38
N VAL F 162 6.05 -4.34 -57.15
CA VAL F 162 6.85 -3.28 -56.62
C VAL F 162 8.01 -3.04 -57.54
N LEU F 163 8.64 -4.16 -57.85
CA LEU F 163 9.76 -4.09 -58.71
C LEU F 163 9.29 -3.48 -59.99
N ASN F 164 8.35 -4.19 -60.59
CA ASN F 164 7.77 -3.79 -61.82
C ASN F 164 7.44 -2.34 -61.92
N GLU F 165 6.53 -1.93 -61.08
CA GLU F 165 6.15 -0.56 -61.11
C GLU F 165 7.34 0.33 -60.91
N VAL F 166 8.30 -0.14 -60.17
CA VAL F 166 9.43 0.73 -60.00
C VAL F 166 10.17 1.10 -61.27
N LYS F 167 10.55 0.04 -61.94
CA LYS F 167 11.26 0.09 -63.17
C LYS F 167 10.48 0.97 -64.13
N LYS F 168 9.16 0.79 -64.14
CA LYS F 168 8.32 1.55 -65.02
C LYS F 168 8.52 3.08 -64.91
N LEU F 169 8.47 3.64 -63.69
CA LEU F 169 8.65 5.08 -63.54
C LEU F 169 10.09 5.62 -63.74
N ASP F 170 11.10 4.76 -63.57
CA ASP F 170 12.49 5.16 -63.71
C ASP F 170 13.33 3.95 -63.33
N PRO F 171 14.01 3.42 -64.28
CA PRO F 171 14.83 2.25 -64.06
C PRO F 171 16.21 2.62 -63.60
N GLU F 172 16.19 3.63 -62.73
CA GLU F 172 17.38 4.16 -62.12
C GLU F 172 17.17 4.08 -60.66
N TYR F 173 16.06 3.47 -60.43
CA TYR F 173 15.57 3.23 -59.14
C TYR F 173 16.04 1.89 -58.68
N ILE F 174 16.43 1.90 -57.43
CA ILE F 174 16.90 0.72 -56.77
C ILE F 174 15.96 0.39 -55.64
N ALA F 175 15.14 -0.61 -55.97
CA ALA F 175 14.11 -1.16 -55.12
C ALA F 175 14.39 -2.57 -54.73
N THR F 176 14.54 -2.68 -53.45
CA THR F 176 14.80 -3.96 -52.96
C THR F 176 14.08 -4.20 -51.64
N VAL F 177 13.40 -5.38 -51.64
CA VAL F 177 12.60 -5.94 -50.55
C VAL F 177 13.48 -6.64 -49.52
N CYS F 178 13.62 -5.99 -48.39
CA CYS F 178 14.44 -6.47 -47.31
C CYS F 178 13.84 -7.46 -46.32
N GLY F 179 14.26 -7.25 -45.08
CA GLY F 179 13.89 -7.98 -43.87
C GLY F 179 13.85 -9.49 -43.96
N SER F 180 12.63 -10.03 -43.72
CA SER F 180 12.29 -11.44 -43.74
C SER F 180 12.54 -12.05 -45.07
N PHE F 181 12.25 -11.28 -46.10
CA PHE F 181 12.46 -11.72 -47.45
C PHE F 181 13.94 -12.07 -47.50
N ARG F 182 14.75 -11.09 -47.12
CA ARG F 182 16.19 -11.23 -47.08
C ARG F 182 16.57 -12.51 -46.34
N ARG F 183 16.13 -12.70 -45.10
CA ARG F 183 16.50 -13.93 -44.42
C ARG F 183 16.00 -15.19 -45.10
N GLY F 184 15.41 -15.04 -46.29
CA GLY F 184 14.87 -16.14 -47.06
C GLY F 184 14.11 -17.19 -46.24
N ALA F 185 13.32 -16.77 -45.26
CA ALA F 185 12.51 -17.68 -44.40
C ALA F 185 11.07 -17.97 -44.90
N GLU F 186 10.62 -19.26 -44.82
CA GLU F 186 9.28 -19.83 -45.23
C GLU F 186 8.02 -18.93 -45.28
N SER F 187 8.03 -17.81 -44.50
CA SER F 187 6.92 -16.83 -44.39
C SER F 187 7.36 -15.46 -43.83
N SER F 188 6.68 -14.36 -44.20
CA SER F 188 7.07 -13.06 -43.69
C SER F 188 5.90 -12.27 -43.14
N GLY F 189 6.23 -11.46 -42.14
CA GLY F 189 5.25 -10.62 -41.49
C GLY F 189 4.84 -9.54 -42.46
N ASP F 190 5.67 -8.54 -42.53
CA ASP F 190 5.36 -7.48 -43.43
C ASP F 190 6.39 -7.40 -44.53
N MET F 191 5.95 -6.70 -45.59
CA MET F 191 6.73 -6.44 -46.79
C MET F 191 7.54 -5.21 -46.44
N ASP F 192 8.83 -5.36 -46.64
CA ASP F 192 9.79 -4.31 -46.33
C ASP F 192 10.63 -3.88 -47.56
N VAL F 193 10.55 -2.59 -47.93
CA VAL F 193 11.29 -2.15 -49.08
C VAL F 193 12.12 -0.91 -49.00
N LEU F 194 13.38 -1.15 -49.31
CA LEU F 194 14.41 -0.18 -49.35
C LEU F 194 14.47 0.18 -50.77
N LEU F 195 14.46 1.44 -51.02
CA LEU F 195 14.50 1.86 -52.36
C LEU F 195 15.34 3.07 -52.50
N THR F 196 16.17 3.06 -53.56
CA THR F 196 17.09 4.16 -53.86
C THR F 196 17.28 4.51 -55.33
N HIS F 197 17.53 5.82 -55.53
CA HIS F 197 17.78 6.51 -56.79
C HIS F 197 19.01 7.36 -56.54
N PRO F 198 19.97 7.02 -57.37
CA PRO F 198 21.32 7.52 -57.52
C PRO F 198 21.48 9.00 -57.33
N ASN F 199 20.39 9.72 -57.47
CA ASN F 199 20.45 11.15 -57.31
C ASN F 199 20.56 11.39 -55.83
N PHE F 200 20.10 10.39 -55.09
CA PHE F 200 20.12 10.43 -53.64
C PHE F 200 21.42 9.90 -53.03
N THR F 201 22.35 10.86 -52.79
CA THR F 201 23.67 10.65 -52.22
C THR F 201 23.79 11.58 -51.02
N SER F 202 24.82 11.38 -50.20
CA SER F 202 25.04 12.21 -49.03
C SER F 202 25.05 13.69 -49.36
N GLU F 203 25.35 13.87 -50.62
CA GLU F 203 25.39 15.15 -51.20
C GLU F 203 23.99 15.30 -51.78
N SER F 204 23.06 15.88 -50.97
CA SER F 204 21.64 16.12 -51.32
C SER F 204 20.79 16.82 -50.24
N SER F 205 20.42 16.05 -49.21
CA SER F 205 19.60 16.59 -48.12
C SER F 205 18.27 17.19 -48.61
N LYS F 206 17.61 16.49 -49.55
CA LYS F 206 16.33 16.87 -50.18
C LYS F 206 15.71 15.66 -50.89
N GLN F 207 15.22 15.83 -52.14
CA GLN F 207 14.59 14.80 -53.00
C GLN F 207 13.36 13.95 -52.60
N PRO F 208 12.71 14.22 -51.45
CA PRO F 208 11.55 13.46 -50.99
C PRO F 208 10.57 13.09 -52.09
N LYS F 209 10.44 13.99 -53.04
CA LYS F 209 9.57 13.81 -54.15
C LYS F 209 9.73 12.43 -54.77
N LEU F 210 10.91 11.91 -54.62
CA LEU F 210 11.16 10.61 -55.16
C LEU F 210 10.30 9.50 -54.55
N LEU F 211 10.29 9.41 -53.21
CA LEU F 211 9.55 8.42 -52.42
C LEU F 211 8.08 8.35 -52.72
N HIS F 212 7.52 9.54 -52.66
CA HIS F 212 6.12 9.76 -52.88
C HIS F 212 5.68 9.15 -54.15
N ARG F 213 6.51 9.40 -55.12
CA ARG F 213 6.29 8.91 -56.44
C ARG F 213 6.01 7.43 -56.37
N VAL F 214 6.94 6.76 -55.73
CA VAL F 214 6.80 5.34 -55.65
C VAL F 214 5.51 4.93 -55.03
N VAL F 215 5.19 5.68 -53.99
CA VAL F 215 3.97 5.36 -53.34
C VAL F 215 2.89 5.64 -54.33
N GLU F 216 3.02 6.83 -54.95
CA GLU F 216 2.09 7.33 -55.94
C GLU F 216 1.63 6.27 -56.87
N GLN F 217 2.55 5.66 -57.58
CA GLN F 217 2.15 4.60 -58.49
C GLN F 217 1.37 3.49 -57.81
N LEU F 218 1.96 2.94 -56.77
CA LEU F 218 1.33 1.87 -56.06
C LEU F 218 -0.06 2.18 -55.61
N GLN F 219 -0.25 3.45 -55.30
CA GLN F 219 -1.55 3.92 -54.86
C GLN F 219 -2.49 3.89 -56.05
N LYS F 220 -1.98 4.47 -57.14
CA LYS F 220 -2.65 4.58 -58.41
C LYS F 220 -2.98 3.26 -59.06
N VAL F 221 -2.64 2.17 -58.45
CA VAL F 221 -2.99 0.97 -59.14
C VAL F 221 -3.77 0.07 -58.22
N ARG F 222 -4.13 0.70 -57.12
CA ARG F 222 -4.87 0.04 -56.11
C ARG F 222 -4.03 -0.97 -55.38
N PHE F 223 -2.72 -0.83 -55.39
CA PHE F 223 -1.92 -1.82 -54.68
C PHE F 223 -1.83 -1.38 -53.24
N ILE F 224 -1.52 -0.14 -53.18
CA ILE F 224 -1.44 0.40 -51.91
C ILE F 224 -2.88 0.76 -51.66
N THR F 225 -3.27 0.81 -50.39
CA THR F 225 -4.64 1.14 -50.03
C THR F 225 -4.68 2.29 -49.06
N ASP F 226 -4.38 2.01 -47.78
CA ASP F 226 -4.37 3.03 -46.71
C ASP F 226 -2.94 3.46 -46.27
N THR F 227 -2.80 4.68 -45.80
CA THR F 227 -1.50 5.16 -45.38
C THR F 227 -1.18 5.41 -43.93
N LEU F 228 -0.26 4.64 -43.40
CA LEU F 228 0.14 4.79 -42.00
C LEU F 228 1.00 5.99 -41.76
N SER F 229 2.16 5.94 -42.37
CA SER F 229 3.05 7.05 -42.22
C SER F 229 3.76 7.35 -43.52
N LYS F 230 3.77 8.66 -43.80
CA LYS F 230 4.34 9.31 -44.97
C LYS F 230 5.15 10.53 -44.58
N GLY F 231 6.47 10.36 -44.64
CA GLY F 231 7.44 11.38 -44.32
C GLY F 231 8.44 11.54 -45.47
N GLU F 232 9.51 12.27 -45.21
CA GLU F 232 10.54 12.52 -46.20
C GLU F 232 11.39 11.29 -46.51
N THR F 233 11.21 10.31 -45.65
CA THR F 233 11.96 9.12 -45.82
C THR F 233 11.24 7.85 -45.52
N LYS F 234 10.49 7.84 -44.43
CA LYS F 234 9.77 6.65 -44.05
C LYS F 234 8.38 6.43 -44.55
N PHE F 235 8.08 5.20 -44.92
CA PHE F 235 6.75 4.97 -45.38
C PHE F 235 6.13 3.78 -44.73
N MET F 236 4.94 3.96 -44.29
CA MET F 236 4.29 2.86 -43.70
C MET F 236 2.95 2.85 -44.31
N GLY F 237 2.54 1.72 -44.80
CA GLY F 237 1.25 1.72 -45.39
C GLY F 237 0.74 0.33 -45.48
N VAL F 238 -0.30 0.20 -46.32
CA VAL F 238 -1.00 -1.04 -46.55
C VAL F 238 -1.24 -1.31 -48.00
N CYS F 239 -0.82 -2.47 -48.38
CA CYS F 239 -0.98 -2.87 -49.75
C CYS F 239 -2.10 -3.85 -49.87
N GLN F 240 -2.06 -4.54 -50.99
CA GLN F 240 -3.01 -5.54 -51.30
C GLN F 240 -2.90 -6.04 -52.71
N LEU F 241 -3.04 -7.34 -52.86
CA LEU F 241 -2.98 -7.85 -54.20
C LEU F 241 -4.43 -7.90 -54.67
N PRO F 242 -4.78 -7.19 -55.75
CA PRO F 242 -6.18 -7.26 -56.18
C PRO F 242 -6.41 -8.54 -56.99
N SER F 243 -7.65 -8.93 -57.31
CA SER F 243 -7.81 -10.17 -58.09
C SER F 243 -9.11 -10.42 -58.84
N GLU F 244 -9.56 -11.67 -58.85
CA GLU F 244 -10.79 -12.09 -59.52
C GLU F 244 -11.79 -12.80 -58.55
N ASN F 245 -11.39 -12.88 -57.26
CA ASN F 245 -12.15 -13.49 -56.14
C ASN F 245 -11.80 -12.94 -54.74
N GLU F 249 -11.11 -11.78 -52.24
CA GLU F 249 -10.08 -10.77 -52.03
C GLU F 249 -8.89 -11.24 -51.14
N TYR F 250 -7.87 -10.36 -50.88
CA TYR F 250 -6.68 -10.68 -50.06
C TYR F 250 -6.54 -9.93 -48.73
N PRO F 251 -5.80 -10.49 -47.74
CA PRO F 251 -5.66 -9.80 -46.48
C PRO F 251 -4.97 -8.47 -46.62
N HIS F 252 -5.27 -7.57 -45.76
CA HIS F 252 -4.56 -6.40 -46.06
C HIS F 252 -3.20 -6.38 -45.46
N ARG F 253 -2.23 -6.42 -46.29
CA ARG F 253 -0.95 -6.43 -45.70
C ARG F 253 -0.34 -5.04 -45.56
N ARG F 254 0.49 -4.89 -44.52
CA ARG F 254 1.13 -3.62 -44.33
C ARG F 254 2.33 -3.64 -45.19
N ILE F 255 2.95 -2.49 -45.24
CA ILE F 255 4.12 -2.37 -46.04
C ILE F 255 4.89 -1.14 -45.68
N ASP F 256 6.14 -1.34 -45.48
CA ASP F 256 6.93 -0.21 -45.13
C ASP F 256 7.90 0.12 -46.23
N ILE F 257 8.14 1.41 -46.40
CA ILE F 257 9.07 1.80 -47.41
C ILE F 257 10.09 2.77 -46.94
N ARG F 258 11.29 2.48 -47.42
CA ARG F 258 12.47 3.25 -47.11
C ARG F 258 13.45 3.49 -48.24
N LEU F 259 13.78 4.79 -48.25
CA LEU F 259 14.67 5.54 -49.13
C LEU F 259 16.00 5.95 -48.45
N ILE F 260 17.07 5.33 -48.95
CA ILE F 260 18.41 5.56 -48.46
C ILE F 260 19.36 6.10 -49.50
N PRO F 261 20.20 7.04 -49.09
CA PRO F 261 21.12 7.59 -50.03
C PRO F 261 22.01 6.51 -50.45
N LYS F 262 21.75 6.15 -51.72
CA LYS F 262 22.45 5.09 -52.36
C LYS F 262 23.92 5.02 -52.05
N ASP F 263 24.57 6.17 -51.85
CA ASP F 263 25.99 6.11 -51.53
C ASP F 263 26.16 5.28 -50.24
N GLN F 264 25.26 5.42 -49.25
CA GLN F 264 25.41 4.59 -48.07
C GLN F 264 24.39 3.44 -48.12
N TYR F 265 24.16 2.90 -49.31
CA TYR F 265 23.24 1.80 -49.50
C TYR F 265 23.56 0.63 -48.61
N TYR F 266 24.85 0.39 -48.45
CA TYR F 266 25.27 -0.71 -47.62
C TYR F 266 24.76 -0.68 -46.19
N CYS F 267 25.14 0.34 -45.40
CA CYS F 267 24.68 0.47 -44.02
C CYS F 267 23.15 0.30 -43.91
N GLY F 268 22.44 0.97 -44.81
CA GLY F 268 21.01 0.89 -44.82
C GLY F 268 20.54 -0.55 -44.93
N VAL F 269 20.84 -1.16 -46.05
CA VAL F 269 20.44 -2.53 -46.28
C VAL F 269 20.65 -3.51 -45.21
N LEU F 270 21.82 -3.41 -44.67
CA LEU F 270 22.22 -4.29 -43.63
C LEU F 270 21.17 -4.19 -42.58
N TYR F 271 20.85 -2.97 -42.30
CA TYR F 271 19.83 -2.72 -41.32
C TYR F 271 18.49 -3.34 -41.68
N PHE F 272 18.00 -2.85 -42.78
CA PHE F 272 16.75 -3.24 -43.30
C PHE F 272 16.67 -4.71 -43.42
N THR F 273 17.85 -5.24 -43.69
CA THR F 273 17.95 -6.66 -43.84
C THR F 273 17.80 -7.25 -42.45
N GLY F 274 18.95 -7.41 -41.80
CA GLY F 274 19.15 -7.95 -40.47
C GLY F 274 18.11 -8.87 -39.85
N SER F 275 17.69 -8.40 -38.70
CA SER F 275 16.74 -9.01 -37.84
C SER F 275 16.82 -8.17 -36.63
N ASP F 276 15.66 -7.72 -36.14
CA ASP F 276 15.51 -6.88 -34.95
C ASP F 276 16.59 -7.11 -33.92
N ILE F 277 16.95 -8.34 -33.85
CA ILE F 277 17.96 -8.79 -32.95
C ILE F 277 19.39 -8.61 -33.48
N PHE F 278 19.60 -9.25 -34.67
CA PHE F 278 20.83 -9.28 -35.42
C PHE F 278 21.49 -7.96 -35.30
N ASN F 279 20.82 -6.96 -35.86
CA ASN F 279 21.28 -5.57 -35.87
C ASN F 279 21.70 -5.01 -34.52
N LYS F 280 20.95 -5.39 -33.46
CA LYS F 280 21.20 -4.94 -32.09
C LYS F 280 22.49 -5.47 -31.57
N ASN F 281 22.56 -6.76 -31.78
CA ASN F 281 23.68 -7.51 -31.37
C ASN F 281 24.93 -6.93 -32.01
N MET F 282 24.85 -6.93 -33.31
CA MET F 282 25.88 -6.44 -34.15
C MET F 282 26.22 -5.04 -33.70
N ARG F 283 25.22 -4.20 -33.63
CA ARG F 283 25.49 -2.86 -33.20
C ARG F 283 26.12 -2.82 -31.85
N ALA F 284 25.80 -3.84 -31.04
CA ALA F 284 26.35 -3.92 -29.70
C ALA F 284 27.82 -4.15 -29.74
N HIS F 285 28.14 -5.16 -30.52
CA HIS F 285 29.48 -5.57 -30.72
C HIS F 285 30.34 -4.40 -31.21
N ALA F 286 29.84 -3.70 -32.22
CA ALA F 286 30.55 -2.57 -32.81
C ALA F 286 31.17 -1.53 -31.88
N LEU F 287 30.35 -0.96 -31.01
CA LEU F 287 30.86 0.05 -30.09
C LEU F 287 32.07 -0.43 -29.33
N GLU F 288 32.00 -1.71 -28.98
CA GLU F 288 33.05 -2.42 -28.25
C GLU F 288 34.28 -2.22 -29.10
N LYS F 289 34.01 -2.30 -30.39
CA LYS F 289 34.97 -2.15 -31.45
C LYS F 289 35.32 -0.70 -31.74
N GLY F 290 34.73 0.17 -30.95
CA GLY F 290 34.95 1.60 -31.09
C GLY F 290 34.41 2.13 -32.40
N PHE F 291 33.33 1.50 -32.86
CA PHE F 291 32.67 1.88 -34.11
C PHE F 291 31.23 2.12 -33.80
N THR F 292 30.52 2.55 -34.83
CA THR F 292 29.12 2.84 -34.67
C THR F 292 28.27 2.66 -35.91
N ILE F 293 27.47 1.62 -35.93
CA ILE F 293 26.66 1.47 -37.11
C ILE F 293 25.29 2.04 -36.96
N ASN F 294 24.72 2.38 -38.11
CA ASN F 294 23.39 2.91 -38.24
C ASN F 294 22.88 2.68 -39.64
N GLU F 295 21.70 3.21 -39.96
CA GLU F 295 21.17 3.01 -41.29
C GLU F 295 21.93 3.77 -42.37
N TYR F 296 22.47 4.91 -41.93
CA TYR F 296 23.24 5.84 -42.71
C TYR F 296 24.77 5.64 -42.73
N THR F 297 25.34 5.46 -41.52
CA THR F 297 26.78 5.26 -41.39
C THR F 297 27.34 4.52 -40.24
N ILE F 298 28.43 3.90 -40.59
CA ILE F 298 29.17 3.20 -39.63
C ILE F 298 30.30 4.17 -39.52
N ARG F 299 30.59 4.51 -38.32
CA ARG F 299 31.62 5.42 -38.26
C ARG F 299 32.29 5.20 -36.97
N PRO F 300 33.49 5.64 -36.96
CA PRO F 300 34.23 5.48 -35.80
C PRO F 300 33.74 6.42 -34.79
N LEU F 301 33.87 5.84 -33.65
CA LEU F 301 33.56 6.36 -32.39
C LEU F 301 34.95 6.87 -32.06
N GLY F 302 35.07 8.14 -31.81
CA GLY F 302 36.37 8.67 -31.48
C GLY F 302 36.44 8.42 -29.99
N VAL F 303 37.63 8.32 -29.44
CA VAL F 303 37.74 8.07 -28.00
C VAL F 303 36.95 9.05 -27.09
N THR F 304 36.64 10.24 -27.63
CA THR F 304 35.90 11.32 -26.94
C THR F 304 34.39 11.09 -26.88
N GLY F 305 33.97 9.93 -27.41
CA GLY F 305 32.59 9.50 -27.50
C GLY F 305 32.11 9.90 -28.88
N VAL F 306 32.34 11.18 -29.13
CA VAL F 306 32.02 11.86 -30.34
C VAL F 306 32.45 11.08 -31.58
N ALA F 307 31.56 11.05 -32.55
CA ALA F 307 31.80 10.36 -33.80
C ALA F 307 32.98 10.84 -34.55
N GLY F 308 33.30 9.96 -35.49
CA GLY F 308 34.38 10.10 -36.41
C GLY F 308 33.86 9.97 -37.84
N GLU F 309 34.73 10.30 -38.79
CA GLU F 309 34.44 10.26 -40.22
C GLU F 309 34.08 8.88 -40.75
N PRO F 310 32.91 8.84 -41.36
CA PRO F 310 32.33 7.65 -41.97
C PRO F 310 33.30 6.81 -42.78
N LEU F 311 33.42 5.51 -42.43
CA LEU F 311 34.31 4.58 -43.15
C LEU F 311 33.70 4.22 -44.51
N PRO F 312 34.52 3.93 -45.50
CA PRO F 312 34.03 3.61 -46.84
C PRO F 312 33.63 2.19 -47.15
N VAL F 313 32.29 2.02 -47.18
CA VAL F 313 31.67 0.74 -47.46
C VAL F 313 31.27 0.45 -48.87
N ASP F 314 32.25 0.08 -49.61
CA ASP F 314 31.94 -0.24 -50.94
C ASP F 314 31.06 -1.49 -51.05
N SER F 315 30.64 -2.04 -49.88
CA SER F 315 29.79 -3.22 -49.77
C SER F 315 29.29 -3.46 -48.33
N GLU F 316 28.55 -4.61 -48.21
CA GLU F 316 27.96 -5.10 -46.95
C GLU F 316 29.11 -5.55 -46.09
N GLN F 317 29.74 -6.58 -46.65
CA GLN F 317 30.90 -7.28 -46.14
C GLN F 317 31.83 -6.28 -45.47
N ASP F 318 32.01 -5.16 -46.21
CA ASP F 318 32.84 -4.00 -45.85
C ASP F 318 32.78 -3.78 -44.34
N ILE F 319 31.57 -3.56 -43.86
CA ILE F 319 31.26 -3.31 -42.47
C ILE F 319 31.75 -4.41 -41.52
N PHE F 320 31.30 -5.64 -41.79
CA PHE F 320 31.64 -6.81 -41.02
C PHE F 320 33.16 -6.88 -40.83
N ASP F 321 33.83 -6.49 -41.91
CA ASP F 321 35.26 -6.47 -41.90
C ASP F 321 35.67 -5.57 -40.76
N TYR F 322 35.38 -4.30 -40.96
CA TYR F 322 35.68 -3.25 -40.02
C TYR F 322 35.42 -3.62 -38.57
N ILE F 323 34.34 -4.32 -38.33
CA ILE F 323 34.01 -4.70 -36.98
C ILE F 323 34.70 -5.95 -36.54
N GLN F 324 35.04 -6.76 -37.54
CA GLN F 324 35.70 -8.01 -37.33
C GLN F 324 34.76 -9.13 -36.95
N TRP F 325 34.17 -9.74 -37.95
CA TRP F 325 33.25 -10.87 -37.83
C TRP F 325 33.26 -11.40 -39.23
N ARG F 326 32.73 -12.59 -39.38
CA ARG F 326 32.71 -13.10 -40.70
C ARG F 326 31.36 -12.77 -41.26
N TYR F 327 31.37 -12.31 -42.50
CA TYR F 327 30.17 -11.92 -43.20
C TYR F 327 29.01 -12.92 -43.05
N ARG F 328 28.15 -12.58 -42.04
CA ARG F 328 26.93 -13.27 -41.58
C ARG F 328 25.81 -13.32 -42.64
N GLU F 329 25.79 -14.42 -43.37
CA GLU F 329 24.80 -14.64 -44.41
C GLU F 329 23.41 -14.50 -43.83
N PRO F 330 22.65 -13.56 -44.36
CA PRO F 330 21.29 -13.23 -43.98
C PRO F 330 20.43 -14.34 -43.34
N LYS F 331 20.16 -15.40 -44.08
CA LYS F 331 19.34 -16.53 -43.63
C LYS F 331 19.71 -17.00 -42.24
N ASP F 332 20.99 -16.92 -42.03
CA ASP F 332 21.56 -17.32 -40.82
C ASP F 332 21.56 -16.18 -39.86
N ARG F 333 21.23 -15.02 -40.37
CA ARG F 333 21.20 -13.85 -39.51
C ARG F 333 20.11 -13.88 -38.51
N SER F 334 19.49 -15.06 -38.40
CA SER F 334 18.40 -15.33 -37.50
C SER F 334 18.62 -14.60 -36.20
N GLU F 335 19.83 -14.74 -35.58
CA GLU F 335 20.24 -14.10 -34.30
C GLU F 335 21.72 -13.73 -34.21
MG MG G . -21.86 3.85 36.15
N1 DCT H . -6.74 7.90 35.75
C2 DCT H . -6.22 8.22 36.93
N3 DCT H . -7.04 8.31 37.99
C4 DCT H . -8.36 8.08 37.84
C5 DCT H . -8.91 7.76 36.60
C6 DCT H . -8.08 7.66 35.50
O2 DCT H . -4.99 8.40 37.04
N4 DCT H . -9.15 8.18 38.90
C1' DCT H . -6.00 8.07 34.57
C2' DCT H . -5.20 6.83 34.17
C3' DCT H . -5.59 6.60 32.71
C4' DCT H . -6.86 7.39 32.51
O4' DCT H . -6.87 8.39 33.53
C5' DCT H . -8.12 6.62 32.55
O5' DCT H . -8.23 5.90 31.42
PA DCT H . -9.31 4.76 31.28
O1A DCT H . -9.75 4.78 29.86
O2A DCT H . -10.27 4.75 32.37
O3A DCT H . -8.39 3.69 31.49
PB DCT H . -7.80 2.93 30.42
O1B DCT H . -6.73 2.12 31.02
O2B DCT H . -7.55 3.86 29.25
O3B DCT H . -9.02 2.07 30.18
PG DCT H . -9.81 1.86 28.87
O1G DCT H . -9.40 3.02 27.98
O2G DCT H . -9.61 0.46 28.41
O3G DCT H . -11.28 2.11 29.40
N1 DCT I . 14.52 -3.50 -36.22
C2 DCT I . 15.56 -2.90 -35.53
N3 DCT I . 15.33 -2.59 -34.22
C4 DCT I . 14.16 -2.82 -33.64
C5 DCT I . 13.08 -3.39 -34.35
C6 DCT I . 13.27 -3.73 -35.66
O2 DCT I . 16.65 -2.73 -36.06
N4 DCT I . 14.01 -2.47 -32.34
C1' DCT I . 14.68 -3.44 -37.76
C2' DCT I . 15.71 -4.42 -38.29
C3' DCT I . 15.08 -4.91 -39.61
C4' DCT I . 13.62 -4.55 -39.56
O4' DCT I . 13.45 -3.72 -38.36
C5' DCT I . 12.64 -5.70 -39.50
O5' DCT I . 11.29 -5.24 -39.58
PA DCT I . 10.10 -6.11 -40.18
O1A DCT I . 10.38 -6.62 -41.54
O2A DCT I . 8.78 -5.50 -39.96
O3A DCT I . 10.29 -7.22 -39.27
PB DCT I . 10.90 -8.60 -39.54
O1B DCT I . 11.74 -8.92 -38.34
O2B DCT I . 11.48 -8.68 -40.91
O3B DCT I . 9.57 -9.37 -39.58
PG DCT I . 8.49 -9.39 -40.74
O1G DCT I . 8.94 -8.46 -41.88
O2G DCT I . 8.24 -10.78 -41.07
O3G DCT I . 7.22 -8.79 -39.96
#